data_2F00
#
_entry.id   2F00
#
_cell.length_a   73.926
_cell.length_b   93.134
_cell.length_c   176.792
_cell.angle_alpha   90.00
_cell.angle_beta   90.00
_cell.angle_gamma   90.00
#
_symmetry.space_group_name_H-M   'P 21 21 21'
#
loop_
_entity.id
_entity.type
_entity.pdbx_description
1 polymer 'UDP-N-acetylmuramate--L-alanine ligase'
2 non-polymer 'MAGNESIUM ION'
3 water water
#
_entity_poly.entity_id   1
_entity_poly.type   'polypeptide(L)'
_entity_poly.pdbx_seq_one_letter_code
;(MSE)NTQQLAKLRSIVPE(MSE)RRVRHIHFVGIGGAG(MSE)GGIAEVLANEGYQISGSDLAPNPVTQQL(MSE)NLG
ATIYFNHRPENVRDASVVVVSSAISADNPEIVAAHEARIPVIRRAE(MSE)LAEL(MSE)RFRHGIAIAGTHGKTTTTA
(MSE)VSSIYAEAGLDPTFVNGGLVKAAGVHARLGHGRYLIAEADESDASFLHLQP(MSE)VAIVTNIEADH(MSE)DTY
QGDFENLKQTFINFLHNLPFYGRAV(MSE)CVDDPVIRELLPRVGRQTTTYGFSEDADVRVEDYQQIGPQGHFTLLRQDK
EP(MSE)RVTLNAPGRHNALNAAAAVAVATEEGIDDEAILRALESFQGTGRRFDFLGEFPLEPVNGKSGTA(MSE)LVDD
YGHHPTEVDATIKAARAGWPDKNLV(MSE)LFQPHRFTRTRDLYDDFANVLTQVDTLL(MSE)LEVYPAGEAPIPGADSR
SLCRTIRGRGKIDPILVPDPARVAE(MSE)LAPVLTGNDLILVQGAGNIGKIARSLAEIKLKPQTPEEEQHD
;
_entity_poly.pdbx_strand_id   A,B
#
loop_
_chem_comp.id
_chem_comp.type
_chem_comp.name
_chem_comp.formula
MG non-polymer 'MAGNESIUM ION' 'Mg 2'
#
# COMPACT_ATOMS: atom_id res chain seq x y z
N MSE A 1 -11.86 -21.12 -11.57
CA MSE A 1 -12.93 -20.75 -12.54
C MSE A 1 -12.51 -21.06 -13.99
O MSE A 1 -11.33 -21.03 -14.31
CB MSE A 1 -13.38 -19.29 -12.36
CG MSE A 1 -12.27 -18.23 -12.35
SE MSE A 1 -12.98 -16.39 -11.98
CE MSE A 1 -14.26 -16.81 -10.60
N ASN A 2 -13.48 -21.36 -14.85
CA ASN A 2 -13.17 -21.71 -16.24
C ASN A 2 -12.52 -20.54 -17.01
N THR A 3 -11.96 -20.80 -18.18
CA THR A 3 -11.23 -19.75 -18.90
C THR A 3 -12.06 -18.50 -19.28
N GLN A 4 -13.34 -18.67 -19.58
CA GLN A 4 -14.20 -17.52 -19.89
C GLN A 4 -14.51 -16.69 -18.64
N GLN A 5 -14.81 -17.36 -17.55
CA GLN A 5 -15.03 -16.71 -16.27
C GLN A 5 -13.79 -15.95 -15.80
N LEU A 6 -12.62 -16.59 -15.97
CA LEU A 6 -11.35 -15.97 -15.58
C LEU A 6 -11.08 -14.71 -16.38
N ALA A 7 -11.32 -14.76 -17.68
CA ALA A 7 -11.12 -13.60 -18.57
C ALA A 7 -11.98 -12.44 -18.11
N LYS A 8 -13.18 -12.74 -17.63
CA LYS A 8 -14.07 -11.71 -17.14
C LYS A 8 -13.51 -11.10 -15.84
N LEU A 9 -12.93 -11.94 -14.99
CA LEU A 9 -12.29 -11.48 -13.77
C LEU A 9 -11.12 -10.56 -14.06
N ARG A 10 -10.40 -10.86 -15.13
CA ARG A 10 -9.19 -10.14 -15.52
C ARG A 10 -9.44 -8.72 -16.01
N SER A 11 -10.70 -8.44 -16.33
CA SER A 11 -11.09 -7.09 -16.75
C SER A 11 -11.29 -6.21 -15.51
N ILE A 12 -11.30 -6.83 -14.33
CA ILE A 12 -11.44 -6.12 -13.05
C ILE A 12 -10.24 -6.36 -12.11
N VAL A 13 -9.72 -7.57 -12.06
CA VAL A 13 -8.55 -7.86 -11.24
C VAL A 13 -7.42 -8.38 -12.13
N PRO A 14 -6.31 -7.62 -12.23
CA PRO A 14 -5.23 -8.06 -13.09
C PRO A 14 -4.43 -9.21 -12.50
N GLU A 15 -3.70 -9.91 -13.37
CA GLU A 15 -2.74 -10.90 -12.93
C GLU A 15 -1.43 -10.22 -12.51
N MSE A 16 -0.67 -10.94 -11.70
CA MSE A 16 0.64 -10.50 -11.28
C MSE A 16 1.65 -10.85 -12.37
O MSE A 16 1.87 -12.03 -12.66
CB MSE A 16 1.00 -11.18 -9.96
CG MSE A 16 0.02 -10.89 -8.84
SE MSE A 16 0.49 -11.90 -7.23
CE MSE A 16 -0.46 -13.58 -7.54
N ARG A 17 2.23 -9.82 -12.99
CA ARG A 17 3.08 -9.97 -14.17
C ARG A 17 4.26 -10.93 -13.95
N ARG A 18 4.41 -11.88 -14.88
CA ARG A 18 5.50 -12.87 -14.85
C ARG A 18 5.38 -13.90 -13.73
N VAL A 19 4.30 -13.86 -12.97
CA VAL A 19 4.08 -14.83 -11.89
C VAL A 19 3.34 -16.03 -12.46
N ARG A 20 4.12 -17.04 -12.84
CA ARG A 20 3.59 -18.22 -13.47
C ARG A 20 3.28 -19.26 -12.42
N HIS A 21 4.19 -19.42 -11.46
CA HIS A 21 4.18 -20.55 -10.55
C HIS A 21 4.47 -20.10 -9.13
N ILE A 22 3.62 -20.51 -8.21
CA ILE A 22 3.70 -20.15 -6.81
C ILE A 22 3.88 -21.39 -5.93
N HIS A 23 4.92 -21.37 -5.11
CA HIS A 23 5.23 -22.50 -4.26
C HIS A 23 5.10 -22.14 -2.78
N PHE A 24 4.45 -23.04 -2.02
CA PHE A 24 4.14 -22.81 -0.62
C PHE A 24 4.88 -23.78 0.28
N VAL A 25 5.83 -23.27 1.06
CA VAL A 25 6.52 -24.09 2.05
C VAL A 25 5.65 -24.15 3.30
N GLY A 26 5.02 -25.30 3.53
CA GLY A 26 4.12 -25.46 4.67
C GLY A 26 2.67 -25.25 4.28
N ILE A 27 2.29 -25.84 3.14
CA ILE A 27 1.00 -25.56 2.51
C ILE A 27 -0.23 -26.00 3.32
N GLY A 28 -0.02 -26.90 4.27
CA GLY A 28 -1.07 -27.30 5.20
C GLY A 28 -0.88 -26.66 6.56
N GLY A 29 -0.15 -25.54 6.59
CA GLY A 29 0.00 -24.74 7.81
C GLY A 29 -1.16 -23.77 7.89
N ALA A 30 -1.30 -23.11 9.04
CA ALA A 30 -2.43 -22.22 9.29
C ALA A 30 -2.55 -21.11 8.25
N GLY A 31 -3.65 -21.14 7.49
CA GLY A 31 -3.99 -20.07 6.55
C GLY A 31 -3.32 -20.13 5.17
N MSE A 32 -2.42 -21.09 4.98
CA MSE A 32 -1.66 -21.25 3.74
C MSE A 32 -2.51 -21.81 2.61
O MSE A 32 -2.56 -21.23 1.51
CB MSE A 32 -0.45 -22.14 3.97
CG MSE A 32 0.62 -21.52 4.85
SE MSE A 32 1.66 -20.13 3.93
CE MSE A 32 2.92 -21.29 3.01
N GLY A 33 -3.18 -22.92 2.87
CA GLY A 33 -3.98 -23.62 1.86
C GLY A 33 -5.10 -22.77 1.27
N GLY A 34 -5.66 -21.90 2.10
CA GLY A 34 -6.72 -21.01 1.69
C GLY A 34 -6.30 -20.03 0.61
N ILE A 35 -5.16 -19.36 0.83
CA ILE A 35 -4.58 -18.48 -0.20
C ILE A 35 -4.28 -19.28 -1.45
N ALA A 36 -3.68 -20.46 -1.25
CA ALA A 36 -3.34 -21.35 -2.36
C ALA A 36 -4.56 -21.73 -3.19
N GLU A 37 -5.68 -22.00 -2.53
CA GLU A 37 -6.93 -22.34 -3.20
C GLU A 37 -7.42 -21.22 -4.11
N VAL A 38 -7.46 -20.01 -3.56
CA VAL A 38 -7.84 -18.81 -4.34
C VAL A 38 -6.93 -18.62 -5.55
N LEU A 39 -5.62 -18.74 -5.35
CA LEU A 39 -4.64 -18.63 -6.42
C LEU A 39 -4.74 -19.74 -7.48
N ALA A 40 -5.05 -20.96 -7.04
CA ALA A 40 -5.36 -22.06 -7.96
C ALA A 40 -6.51 -21.71 -8.90
N ASN A 41 -7.61 -21.21 -8.35
CA ASN A 41 -8.74 -20.87 -9.20
C ASN A 41 -8.59 -19.56 -9.99
N GLU A 42 -7.60 -18.74 -9.63
CA GLU A 42 -7.21 -17.61 -10.46
C GLU A 42 -6.32 -18.03 -11.63
N GLY A 43 -5.92 -19.30 -11.66
CA GLY A 43 -5.22 -19.85 -12.82
C GLY A 43 -3.71 -19.91 -12.74
N TYR A 44 -3.18 -19.67 -11.55
CA TYR A 44 -1.76 -19.84 -11.31
C TYR A 44 -1.42 -21.32 -11.13
N GLN A 45 -0.18 -21.65 -11.44
CA GLN A 45 0.36 -22.96 -11.17
C GLN A 45 0.73 -22.99 -9.68
N ILE A 46 0.20 -23.96 -8.95
CA ILE A 46 0.41 -24.04 -7.50
C ILE A 46 1.11 -25.32 -7.09
N SER A 47 2.16 -25.17 -6.30
CA SER A 47 2.78 -26.29 -5.66
C SER A 47 3.00 -25.99 -4.18
N GLY A 48 3.25 -27.01 -3.39
CA GLY A 48 3.47 -26.85 -1.96
C GLY A 48 4.13 -28.04 -1.32
N SER A 49 4.71 -27.81 -0.16
CA SER A 49 5.36 -28.86 0.59
C SER A 49 4.84 -28.84 2.01
N ASP A 50 4.54 -30.02 2.55
CA ASP A 50 4.27 -30.16 3.98
C ASP A 50 4.60 -31.56 4.46
N LEU A 51 4.98 -31.66 5.73
CA LEU A 51 5.32 -32.97 6.31
C LEU A 51 4.07 -33.80 6.66
N ALA A 52 2.97 -33.13 6.95
CA ALA A 52 1.72 -33.81 7.35
C ALA A 52 0.52 -33.59 6.41
N PRO A 53 0.29 -34.52 5.46
CA PRO A 53 -0.91 -34.56 4.63
C PRO A 53 -2.20 -34.40 5.43
N ASN A 54 -3.18 -33.70 4.86
CA ASN A 54 -4.46 -33.46 5.53
C ASN A 54 -5.58 -33.10 4.54
N PRO A 55 -6.81 -32.82 5.06
CA PRO A 55 -7.92 -32.45 4.18
C PRO A 55 -7.62 -31.25 3.28
N VAL A 56 -6.80 -30.31 3.77
CA VAL A 56 -6.42 -29.11 3.03
C VAL A 56 -5.57 -29.47 1.81
N THR A 57 -4.50 -30.23 2.03
CA THR A 57 -3.66 -30.74 0.94
C THR A 57 -4.46 -31.59 -0.05
N GLN A 58 -5.45 -32.32 0.47
CA GLN A 58 -6.35 -33.13 -0.34
C GLN A 58 -7.15 -32.24 -1.28
N GLN A 59 -7.76 -31.19 -0.71
CA GLN A 59 -8.46 -30.17 -1.49
C GLN A 59 -7.57 -29.54 -2.56
N LEU A 60 -6.33 -29.22 -2.19
CA LEU A 60 -5.37 -28.60 -3.09
C LEU A 60 -4.95 -29.48 -4.26
N MSE A 61 -4.83 -30.78 -4.01
CA MSE A 61 -4.58 -31.75 -5.07
C MSE A 61 -5.71 -31.80 -6.10
O MSE A 61 -5.46 -31.81 -7.30
CB MSE A 61 -4.30 -33.13 -4.49
CG MSE A 61 -2.85 -33.33 -4.09
SE MSE A 61 -2.49 -35.02 -3.14
CE MSE A 61 -0.49 -35.07 -3.36
N ASN A 62 -6.96 -31.79 -5.62
CA ASN A 62 -8.13 -31.75 -6.48
C ASN A 62 -8.17 -30.53 -7.39
N LEU A 63 -7.63 -29.42 -6.89
CA LEU A 63 -7.58 -28.16 -7.63
C LEU A 63 -6.37 -28.12 -8.56
N GLY A 64 -5.57 -29.17 -8.54
CA GLY A 64 -4.46 -29.32 -9.48
C GLY A 64 -3.10 -28.90 -8.98
N ALA A 65 -2.97 -28.69 -7.68
CA ALA A 65 -1.68 -28.34 -7.11
C ALA A 65 -0.81 -29.59 -6.93
N THR A 66 0.46 -29.51 -7.29
CA THR A 66 1.38 -30.60 -6.98
C THR A 66 1.94 -30.44 -5.57
N ILE A 67 1.61 -31.40 -4.71
CA ILE A 67 1.97 -31.33 -3.31
C ILE A 67 3.06 -32.36 -3.01
N TYR A 68 4.13 -31.90 -2.39
CA TYR A 68 5.20 -32.78 -1.93
C TYR A 68 5.11 -32.97 -0.43
N PHE A 69 5.47 -34.17 0.02
CA PHE A 69 5.42 -34.49 1.43
C PHE A 69 6.83 -34.66 2.04
N ASN A 70 7.74 -33.80 1.59
CA ASN A 70 9.06 -33.63 2.20
C ASN A 70 9.63 -32.25 1.85
N HIS A 71 10.78 -31.93 2.43
CA HIS A 71 11.46 -30.68 2.11
C HIS A 71 12.80 -30.92 1.42
N ARG A 72 12.86 -30.60 0.14
CA ARG A 72 14.10 -30.70 -0.64
C ARG A 72 14.25 -29.56 -1.66
N PRO A 73 15.50 -29.16 -1.95
CA PRO A 73 15.78 -28.07 -2.88
C PRO A 73 15.00 -28.12 -4.20
N GLU A 74 14.73 -29.32 -4.70
CA GLU A 74 14.05 -29.52 -5.98
C GLU A 74 12.61 -29.02 -5.95
N ASN A 75 12.02 -29.01 -4.75
CA ASN A 75 10.61 -28.64 -4.58
C ASN A 75 10.27 -27.20 -5.04
N VAL A 76 11.26 -26.31 -5.06
CA VAL A 76 11.06 -24.94 -5.51
C VAL A 76 11.46 -24.72 -6.98
N ARG A 77 11.96 -25.77 -7.62
CA ARG A 77 12.38 -25.65 -9.03
C ARG A 77 11.28 -25.01 -9.88
N ASP A 78 11.65 -23.93 -10.57
CA ASP A 78 10.75 -23.24 -11.52
C ASP A 78 9.76 -22.25 -10.92
N ALA A 79 9.74 -22.11 -9.59
CA ALA A 79 8.79 -21.22 -8.94
C ALA A 79 9.08 -19.75 -9.28
N SER A 80 8.01 -18.99 -9.47
CA SER A 80 8.11 -17.53 -9.63
C SER A 80 8.34 -16.91 -8.26
N VAL A 81 7.73 -17.50 -7.23
CA VAL A 81 7.80 -16.97 -5.88
C VAL A 81 7.56 -18.09 -4.87
N VAL A 82 8.13 -17.93 -3.68
CA VAL A 82 8.01 -18.90 -2.63
C VAL A 82 7.37 -18.23 -1.43
N VAL A 83 6.31 -18.83 -0.91
CA VAL A 83 5.56 -18.27 0.19
C VAL A 83 5.77 -19.21 1.37
N VAL A 84 6.26 -18.68 2.48
CA VAL A 84 6.54 -19.48 3.68
C VAL A 84 5.61 -19.15 4.84
N SER A 85 5.20 -20.17 5.58
CA SER A 85 4.43 -19.94 6.80
C SER A 85 5.37 -19.62 7.96
N SER A 86 4.79 -19.08 9.03
CA SER A 86 5.54 -18.73 10.23
C SER A 86 6.29 -19.93 10.84
N ALA A 87 5.75 -21.12 10.62
CA ALA A 87 6.31 -22.36 11.18
C ALA A 87 7.67 -22.72 10.58
N ILE A 88 7.93 -22.22 9.39
CA ILE A 88 9.14 -22.61 8.66
C ILE A 88 10.35 -21.80 9.12
N SER A 89 11.43 -22.51 9.40
CA SER A 89 12.67 -21.92 9.86
C SER A 89 13.60 -21.58 8.70
N ALA A 90 14.45 -20.59 8.90
CA ALA A 90 15.34 -20.06 7.86
C ALA A 90 16.27 -21.09 7.21
N ASP A 91 16.48 -22.21 7.90
CA ASP A 91 17.41 -23.24 7.45
C ASP A 91 16.80 -24.18 6.41
N ASN A 92 15.47 -24.29 6.41
CA ASN A 92 14.73 -25.18 5.49
C ASN A 92 15.34 -25.18 4.09
N PRO A 93 15.61 -26.39 3.55
CA PRO A 93 16.24 -26.55 2.24
C PRO A 93 15.51 -25.85 1.09
N GLU A 94 14.19 -25.70 1.21
CA GLU A 94 13.42 -25.02 0.15
C GLU A 94 13.70 -23.53 0.10
N ILE A 95 13.77 -22.90 1.28
CA ILE A 95 14.17 -21.49 1.41
C ILE A 95 15.59 -21.28 0.88
N VAL A 96 16.52 -22.12 1.33
CA VAL A 96 17.93 -22.03 0.94
C VAL A 96 18.10 -22.16 -0.58
N ALA A 97 17.35 -23.09 -1.19
CA ALA A 97 17.37 -23.24 -2.64
C ALA A 97 16.75 -22.05 -3.37
N ALA A 98 15.70 -21.47 -2.78
CA ALA A 98 15.07 -20.29 -3.34
C ALA A 98 16.03 -19.10 -3.41
N HIS A 99 16.74 -18.84 -2.31
CA HIS A 99 17.75 -17.77 -2.29
C HIS A 99 18.90 -18.03 -3.27
N GLU A 100 19.38 -19.27 -3.30
CA GLU A 100 20.42 -19.66 -4.25
C GLU A 100 19.96 -19.43 -5.70
N ALA A 101 18.67 -19.66 -5.96
CA ALA A 101 18.11 -19.46 -7.30
C ALA A 101 17.63 -18.03 -7.54
N ARG A 102 17.73 -17.18 -6.51
CA ARG A 102 17.26 -15.78 -6.56
C ARG A 102 15.76 -15.69 -6.84
N ILE A 103 15.02 -16.63 -6.26
CA ILE A 103 13.56 -16.65 -6.31
C ILE A 103 13.08 -15.88 -5.08
N PRO A 104 12.22 -14.86 -5.30
CA PRO A 104 11.69 -14.10 -4.14
C PRO A 104 10.98 -15.00 -3.15
N VAL A 105 11.22 -14.75 -1.87
CA VAL A 105 10.68 -15.56 -0.78
C VAL A 105 9.90 -14.63 0.13
N ILE A 106 8.61 -14.90 0.30
CA ILE A 106 7.74 -13.98 1.05
C ILE A 106 6.93 -14.68 2.12
N ARG A 107 6.50 -13.92 3.12
CA ARG A 107 5.61 -14.40 4.16
C ARG A 107 4.16 -14.50 3.69
N ARG A 108 3.40 -15.35 4.38
CA ARG A 108 1.99 -15.59 4.10
C ARG A 108 1.19 -14.28 3.93
N ALA A 109 1.36 -13.36 4.87
CA ALA A 109 0.63 -12.09 4.85
C ALA A 109 0.98 -11.17 3.68
N GLU A 110 2.23 -11.22 3.21
CA GLU A 110 2.63 -10.49 2.01
C GLU A 110 1.80 -10.94 0.80
N MSE A 111 1.59 -12.25 0.67
CA MSE A 111 0.80 -12.79 -0.42
C MSE A 111 -0.69 -12.45 -0.26
O MSE A 111 -1.35 -12.08 -1.21
CB MSE A 111 1.02 -14.29 -0.59
CG MSE A 111 0.31 -14.90 -1.78
SE MSE A 111 0.68 -13.99 -3.47
CE MSE A 111 2.18 -15.11 -4.05
N LEU A 112 -1.19 -12.56 0.98
CA LEU A 112 -2.54 -12.13 1.29
C LEU A 112 -2.74 -10.66 0.90
N ALA A 113 -1.73 -9.84 1.13
CA ALA A 113 -1.81 -8.41 0.83
C ALA A 113 -1.95 -8.17 -0.66
N GLU A 114 -1.32 -9.04 -1.46
CA GLU A 114 -1.39 -8.92 -2.90
C GLU A 114 -2.76 -9.30 -3.47
N LEU A 115 -3.42 -10.24 -2.79
CA LEU A 115 -4.81 -10.56 -3.09
C LEU A 115 -5.71 -9.36 -2.80
N MSE A 116 -5.28 -8.52 -1.87
CA MSE A 116 -6.06 -7.37 -1.46
C MSE A 116 -5.82 -6.15 -2.34
O MSE A 116 -6.64 -5.23 -2.37
CB MSE A 116 -5.79 -7.05 0.02
CG MSE A 116 -6.90 -6.34 0.72
SE MSE A 116 -6.55 -6.14 2.64
CE MSE A 116 -7.50 -7.71 3.35
N ARG A 117 -4.72 -6.14 -3.09
CA ARG A 117 -4.29 -4.99 -3.90
C ARG A 117 -5.38 -4.33 -4.78
N PHE A 118 -6.01 -5.08 -5.67
CA PHE A 118 -7.06 -4.51 -6.52
C PHE A 118 -8.43 -5.01 -6.11
N ARG A 119 -8.60 -5.17 -4.79
CA ARG A 119 -9.88 -5.53 -4.20
C ARG A 119 -10.22 -4.59 -3.05
N HIS A 120 -11.49 -4.62 -2.64
CA HIS A 120 -11.96 -3.86 -1.49
C HIS A 120 -11.81 -4.75 -0.25
N GLY A 121 -10.69 -4.58 0.45
CA GLY A 121 -10.36 -5.40 1.61
C GLY A 121 -11.13 -5.10 2.88
N ILE A 122 -11.62 -6.16 3.50
CA ILE A 122 -12.29 -6.07 4.78
C ILE A 122 -11.53 -7.02 5.70
N ALA A 123 -10.66 -6.45 6.53
CA ALA A 123 -9.79 -7.22 7.41
C ALA A 123 -10.41 -7.39 8.80
N ILE A 124 -10.60 -8.65 9.21
CA ILE A 124 -11.14 -8.97 10.53
C ILE A 124 -9.98 -9.27 11.48
N ALA A 125 -9.78 -8.41 12.47
CA ALA A 125 -8.65 -8.53 13.39
C ALA A 125 -9.15 -8.59 14.82
N GLY A 126 -8.26 -9.03 15.71
CA GLY A 126 -8.58 -9.13 17.14
C GLY A 126 -7.95 -10.35 17.77
N THR A 127 -8.05 -10.44 19.10
CA THR A 127 -7.49 -11.58 19.81
C THR A 127 -8.37 -12.81 19.65
N HIS A 128 -9.67 -12.66 19.90
CA HIS A 128 -10.62 -13.78 19.73
C HIS A 128 -11.78 -13.42 18.80
N GLY A 129 -12.39 -14.44 18.22
CA GLY A 129 -13.60 -14.31 17.41
C GLY A 129 -13.38 -13.97 15.94
N LYS A 130 -12.12 -13.92 15.51
CA LYS A 130 -11.77 -13.54 14.15
C LYS A 130 -12.44 -14.47 13.14
N THR A 131 -12.28 -15.77 13.34
CA THR A 131 -12.78 -16.77 12.39
C THR A 131 -14.30 -16.66 12.25
N THR A 132 -15.01 -16.63 13.37
CA THR A 132 -16.46 -16.57 13.37
C THR A 132 -16.96 -15.30 12.69
N THR A 133 -16.39 -14.16 13.08
CA THR A 133 -16.80 -12.84 12.57
C THR A 133 -16.52 -12.73 11.05
N THR A 134 -15.35 -13.19 10.62
CA THR A 134 -15.01 -13.26 9.20
C THR A 134 -16.08 -14.04 8.43
N ALA A 135 -16.47 -15.19 8.99
CA ALA A 135 -17.48 -16.04 8.37
C ALA A 135 -18.81 -15.31 8.28
N MSE A 136 -19.16 -14.57 9.32
CA MSE A 136 -20.42 -13.81 9.34
C MSE A 136 -20.45 -12.69 8.30
O MSE A 136 -21.49 -12.44 7.69
CB MSE A 136 -20.68 -13.24 10.73
CG MSE A 136 -21.08 -14.30 11.73
SE MSE A 136 -21.31 -13.52 13.50
CE MSE A 136 -21.97 -15.11 14.47
N VAL A 137 -19.31 -12.03 8.12
CA VAL A 137 -19.19 -10.96 7.13
C VAL A 137 -19.33 -11.52 5.69
N SER A 138 -18.65 -12.63 5.41
CA SER A 138 -18.75 -13.26 4.09
C SER A 138 -20.11 -13.89 3.81
N SER A 139 -20.78 -14.36 4.86
CA SER A 139 -22.17 -14.84 4.77
C SER A 139 -23.10 -13.74 4.31
N ILE A 140 -22.98 -12.56 4.94
CA ILE A 140 -23.82 -11.41 4.62
C ILE A 140 -23.61 -10.95 3.18
N TYR A 141 -22.34 -10.80 2.81
CA TYR A 141 -21.97 -10.31 1.48
C TYR A 141 -22.34 -11.29 0.35
N ALA A 142 -22.24 -12.58 0.64
CA ALA A 142 -22.68 -13.62 -0.28
C ALA A 142 -24.19 -13.53 -0.44
N GLU A 143 -24.89 -13.41 0.68
CA GLU A 143 -26.35 -13.28 0.68
C GLU A 143 -26.80 -12.05 -0.10
N ALA A 144 -26.02 -10.96 0.00
CA ALA A 144 -26.28 -9.74 -0.74
C ALA A 144 -26.03 -9.89 -2.24
N GLY A 145 -25.55 -11.06 -2.64
CA GLY A 145 -25.20 -11.34 -4.03
C GLY A 145 -23.97 -10.62 -4.51
N LEU A 146 -23.08 -10.24 -3.58
CA LEU A 146 -21.86 -9.49 -3.93
C LEU A 146 -20.67 -10.39 -4.24
N ASP A 147 -20.85 -11.71 -4.09
CA ASP A 147 -19.86 -12.75 -4.36
C ASP A 147 -18.40 -12.45 -3.95
N PRO A 148 -18.16 -12.31 -2.64
CA PRO A 148 -16.83 -11.92 -2.17
C PRO A 148 -15.82 -13.05 -2.26
N THR A 149 -14.55 -12.69 -2.42
CA THR A 149 -13.46 -13.62 -2.18
C THR A 149 -13.22 -13.58 -0.67
N PHE A 150 -13.09 -14.75 -0.04
CA PHE A 150 -12.76 -14.77 1.38
C PHE A 150 -11.62 -15.71 1.71
N VAL A 151 -10.82 -15.33 2.70
CA VAL A 151 -9.79 -16.19 3.25
C VAL A 151 -9.99 -16.24 4.78
N ASN A 152 -10.41 -17.41 5.26
CA ASN A 152 -10.72 -17.62 6.68
C ASN A 152 -9.73 -18.63 7.31
N GLY A 153 -9.42 -18.43 8.58
CA GLY A 153 -8.57 -19.37 9.32
C GLY A 153 -9.26 -20.69 9.64
N GLY A 154 -10.59 -20.69 9.55
CA GLY A 154 -11.37 -21.89 9.76
C GLY A 154 -12.22 -22.26 8.56
N LEU A 155 -12.72 -23.50 8.57
CA LEU A 155 -13.58 -24.02 7.51
C LEU A 155 -14.95 -23.36 7.62
N VAL A 156 -15.34 -22.62 6.58
CA VAL A 156 -16.66 -22.00 6.52
C VAL A 156 -17.65 -23.08 6.09
N LYS A 157 -18.52 -23.46 7.02
CA LYS A 157 -19.34 -24.67 6.87
C LYS A 157 -20.31 -24.65 5.67
N ALA A 158 -20.94 -23.52 5.40
CA ALA A 158 -21.86 -23.39 4.26
C ALA A 158 -21.18 -23.56 2.91
N ALA A 159 -19.86 -23.36 2.89
CA ALA A 159 -19.10 -23.36 1.65
C ALA A 159 -18.16 -24.57 1.52
N GLY A 160 -17.96 -25.27 2.64
CA GLY A 160 -17.09 -26.45 2.69
C GLY A 160 -15.61 -26.16 2.49
N VAL A 161 -15.23 -24.89 2.62
CA VAL A 161 -13.87 -24.45 2.32
C VAL A 161 -13.39 -23.39 3.33
N HIS A 162 -12.07 -23.25 3.47
CA HIS A 162 -11.47 -22.15 4.23
C HIS A 162 -11.51 -20.85 3.44
N ALA A 163 -11.48 -20.96 2.11
CA ALA A 163 -11.34 -19.81 1.24
C ALA A 163 -11.96 -20.05 -0.13
N ARG A 164 -12.43 -18.97 -0.75
CA ARG A 164 -13.10 -19.06 -2.05
C ARG A 164 -12.91 -17.82 -2.88
N LEU A 165 -12.57 -18.01 -4.15
CA LEU A 165 -12.52 -16.92 -5.11
C LEU A 165 -13.93 -16.59 -5.58
N GLY A 166 -14.26 -15.30 -5.58
CA GLY A 166 -15.52 -14.82 -6.12
C GLY A 166 -15.29 -13.91 -7.31
N HIS A 167 -16.36 -13.61 -8.04
CA HIS A 167 -16.30 -12.71 -9.17
C HIS A 167 -16.44 -11.26 -8.73
N GLY A 168 -16.70 -11.06 -7.43
CA GLY A 168 -16.83 -9.71 -6.86
C GLY A 168 -15.51 -8.98 -6.66
N ARG A 169 -15.59 -7.73 -6.22
CA ARG A 169 -14.42 -6.89 -5.95
C ARG A 169 -13.96 -6.99 -4.51
N TYR A 170 -14.69 -7.76 -3.70
CA TYR A 170 -14.48 -7.77 -2.25
C TYR A 170 -13.56 -8.88 -1.80
N LEU A 171 -12.70 -8.53 -0.84
CA LEU A 171 -11.89 -9.52 -0.10
C LEU A 171 -12.21 -9.42 1.37
N ILE A 172 -12.63 -10.54 1.94
CA ILE A 172 -12.95 -10.62 3.36
C ILE A 172 -11.96 -11.61 3.95
N ALA A 173 -11.13 -11.14 4.86
CA ALA A 173 -10.05 -11.97 5.38
C ALA A 173 -9.79 -11.78 6.86
N GLU A 174 -9.55 -12.90 7.53
CA GLU A 174 -9.05 -12.90 8.89
C GLU A 174 -7.63 -12.34 8.87
N ALA A 175 -7.33 -11.48 9.84
CA ALA A 175 -6.03 -10.80 9.91
C ALA A 175 -5.25 -11.19 11.16
N ASP A 176 -4.13 -11.86 10.97
CA ASP A 176 -3.37 -12.44 12.08
C ASP A 176 -2.43 -11.42 12.73
N GLU A 177 -2.64 -11.20 14.03
CA GLU A 177 -1.76 -10.36 14.83
C GLU A 177 -0.68 -11.19 15.54
N SER A 178 -0.82 -12.51 15.52
CA SER A 178 0.02 -13.42 16.32
C SER A 178 1.51 -13.31 16.04
N ASP A 179 1.85 -12.82 14.84
CA ASP A 179 3.25 -12.61 14.45
C ASP A 179 3.39 -11.21 13.88
N ALA A 180 2.40 -10.36 14.20
CA ALA A 180 2.32 -8.98 13.70
C ALA A 180 2.22 -8.87 12.17
N SER A 181 1.92 -9.99 11.51
CA SER A 181 1.98 -10.04 10.05
C SER A 181 0.87 -9.24 9.37
N PHE A 182 -0.26 -9.08 10.07
CA PHE A 182 -1.36 -8.29 9.54
C PHE A 182 -0.98 -6.83 9.17
N LEU A 183 0.18 -6.38 9.64
CA LEU A 183 0.71 -5.07 9.26
C LEU A 183 0.99 -4.94 7.76
N HIS A 184 1.04 -6.06 7.05
CA HIS A 184 1.18 -6.06 5.60
C HIS A 184 -0.12 -5.70 4.89
N LEU A 185 -1.24 -5.89 5.56
CA LEU A 185 -2.54 -5.73 4.90
C LEU A 185 -2.90 -4.26 4.72
N GLN A 186 -3.56 -3.97 3.60
CA GLN A 186 -4.05 -2.62 3.33
C GLN A 186 -5.52 -2.60 2.96
N PRO A 187 -6.40 -2.73 3.96
CA PRO A 187 -7.84 -2.85 3.76
C PRO A 187 -8.56 -1.52 3.66
N MSE A 188 -9.83 -1.58 3.28
CA MSE A 188 -10.71 -0.41 3.27
C MSE A 188 -11.42 -0.28 4.61
O MSE A 188 -11.73 0.82 5.05
CB MSE A 188 -11.73 -0.51 2.15
CG MSE A 188 -11.15 -0.46 0.76
SE MSE A 188 -10.31 1.26 0.35
CE MSE A 188 -8.46 0.75 0.69
N VAL A 189 -11.70 -1.44 5.21
CA VAL A 189 -12.47 -1.52 6.44
C VAL A 189 -11.80 -2.56 7.31
N ALA A 190 -11.70 -2.29 8.60
CA ALA A 190 -11.06 -3.20 9.53
C ALA A 190 -11.93 -3.41 10.77
N ILE A 191 -12.05 -4.65 11.21
CA ILE A 191 -12.70 -4.94 12.51
C ILE A 191 -11.65 -5.27 13.56
N VAL A 192 -11.85 -4.77 14.77
CA VAL A 192 -11.06 -5.20 15.91
C VAL A 192 -12.02 -5.66 16.97
N THR A 193 -12.14 -6.98 17.11
CA THR A 193 -13.09 -7.61 18.03
C THR A 193 -12.69 -7.40 19.48
N ASN A 194 -11.40 -7.60 19.75
CA ASN A 194 -10.84 -7.44 21.11
C ASN A 194 -9.32 -7.49 21.10
N ILE A 195 -8.72 -6.98 22.19
CA ILE A 195 -7.28 -7.06 22.38
C ILE A 195 -7.00 -7.60 23.78
N GLU A 196 -6.36 -8.76 23.82
CA GLU A 196 -6.03 -9.43 25.07
C GLU A 196 -4.63 -10.01 25.02
N ALA A 197 -4.08 -10.33 26.17
CA ALA A 197 -2.71 -10.87 26.28
C ALA A 197 -2.62 -12.32 25.78
N ASP A 198 -2.17 -12.46 24.53
CA ASP A 198 -1.90 -13.77 23.91
C ASP A 198 -0.80 -13.59 22.86
N HIS A 199 -0.14 -14.70 22.50
CA HIS A 199 1.00 -14.68 21.56
C HIS A 199 2.05 -13.62 21.95
N MSE A 200 2.26 -13.46 23.26
CA MSE A 200 3.11 -12.39 23.82
C MSE A 200 4.60 -12.51 23.50
O MSE A 200 5.34 -11.53 23.61
CB MSE A 200 2.90 -12.29 25.34
CG MSE A 200 1.52 -11.82 25.75
SE MSE A 200 1.10 -10.07 24.99
CE MSE A 200 2.20 -8.97 26.15
N ASP A 201 5.01 -13.71 23.11
CA ASP A 201 6.40 -13.97 22.72
C ASP A 201 6.85 -13.15 21.49
N THR A 202 5.88 -12.58 20.77
CA THR A 202 6.19 -11.74 19.60
C THR A 202 6.22 -10.24 19.94
N TYR A 203 5.71 -9.88 21.12
CA TYR A 203 5.74 -8.50 21.60
C TYR A 203 6.56 -8.36 22.89
N GLN A 204 7.32 -9.42 23.20
CA GLN A 204 8.20 -9.52 24.38
C GLN A 204 7.58 -9.05 25.70
N GLY A 205 6.46 -9.67 26.07
CA GLY A 205 5.84 -9.46 27.38
C GLY A 205 5.25 -8.08 27.62
N ASP A 206 5.47 -7.16 26.69
CA ASP A 206 4.89 -5.82 26.82
C ASP A 206 3.54 -5.73 26.12
N PHE A 207 2.49 -5.61 26.92
CA PHE A 207 1.11 -5.48 26.44
C PHE A 207 0.92 -4.16 25.70
N GLU A 208 1.74 -3.18 26.04
CA GLU A 208 1.67 -1.85 25.42
C GLU A 208 2.15 -1.89 23.97
N ASN A 209 3.04 -2.84 23.66
CA ASN A 209 3.47 -3.09 22.29
C ASN A 209 2.36 -3.67 21.42
N LEU A 210 1.52 -4.51 22.02
CA LEU A 210 0.40 -5.15 21.34
C LEU A 210 -0.65 -4.10 20.97
N LYS A 211 -0.95 -3.22 21.91
CA LYS A 211 -1.89 -2.13 21.68
C LYS A 211 -1.41 -1.27 20.52
N GLN A 212 -0.12 -0.93 20.54
CA GLN A 212 0.50 -0.09 19.52
C GLN A 212 0.46 -0.74 18.13
N THR A 213 0.79 -2.03 18.08
CA THR A 213 0.71 -2.81 16.84
C THR A 213 -0.70 -2.77 16.21
N PHE A 214 -1.74 -2.94 17.05
CA PHE A 214 -3.12 -2.81 16.62
C PHE A 214 -3.45 -1.41 16.11
N ILE A 215 -2.85 -0.40 16.74
CA ILE A 215 -3.01 0.99 16.31
C ILE A 215 -2.32 1.19 14.95
N ASN A 216 -1.08 0.69 14.84
CA ASN A 216 -0.34 0.74 13.58
C ASN A 216 -1.11 0.06 12.45
N PHE A 217 -1.69 -1.10 12.76
CA PHE A 217 -2.58 -1.81 11.86
C PHE A 217 -3.72 -0.92 11.38
N LEU A 218 -4.49 -0.38 12.31
CA LEU A 218 -5.61 0.49 11.96
C LEU A 218 -5.13 1.70 11.17
N HIS A 219 -3.88 2.11 11.40
CA HIS A 219 -3.32 3.23 10.66
C HIS A 219 -2.98 2.90 9.22
N ASN A 220 -3.08 1.61 8.85
CA ASN A 220 -2.95 1.18 7.45
C ASN A 220 -4.17 1.56 6.59
N LEU A 221 -5.30 1.81 7.24
CA LEU A 221 -6.50 2.27 6.54
C LEU A 221 -6.21 3.57 5.81
N PRO A 222 -6.89 3.81 4.67
CA PRO A 222 -6.78 5.15 4.08
C PRO A 222 -7.44 6.18 5.01
N PHE A 223 -7.19 7.47 4.75
CA PHE A 223 -7.77 8.55 5.56
C PHE A 223 -9.30 8.45 5.67
N TYR A 224 -9.92 7.86 4.65
CA TYR A 224 -11.38 7.71 4.61
C TYR A 224 -11.81 6.29 4.97
N GLY A 225 -10.88 5.47 5.47
CA GLY A 225 -11.21 4.10 5.87
C GLY A 225 -12.05 4.02 7.14
N ARG A 226 -12.52 2.83 7.47
CA ARG A 226 -13.34 2.66 8.64
C ARG A 226 -12.88 1.53 9.55
N ALA A 227 -12.74 1.86 10.83
CA ALA A 227 -12.47 0.90 11.87
C ALA A 227 -13.78 0.58 12.58
N VAL A 228 -14.06 -0.72 12.72
CA VAL A 228 -15.24 -1.19 13.44
C VAL A 228 -14.77 -1.94 14.69
N MSE A 229 -15.15 -1.44 15.86
CA MSE A 229 -14.48 -1.84 17.10
C MSE A 229 -15.39 -2.04 18.29
O MSE A 229 -16.33 -1.27 18.50
CB MSE A 229 -13.41 -0.82 17.45
CG MSE A 229 -12.38 -0.64 16.37
SE MSE A 229 -10.96 0.51 16.93
CE MSE A 229 -11.70 2.17 16.52
N CYS A 230 -15.11 -3.08 19.07
CA CYS A 230 -15.93 -3.46 20.21
C CYS A 230 -15.62 -2.62 21.45
N VAL A 231 -16.47 -1.62 21.70
CA VAL A 231 -16.27 -0.68 22.79
C VAL A 231 -16.38 -1.30 24.19
N ASP A 232 -17.12 -2.41 24.29
CA ASP A 232 -17.26 -3.19 25.53
C ASP A 232 -15.90 -3.55 26.10
N ASP A 233 -14.97 -3.88 25.21
CA ASP A 233 -13.60 -4.15 25.59
C ASP A 233 -12.97 -2.86 26.13
N PRO A 234 -12.55 -2.87 27.41
CA PRO A 234 -11.99 -1.69 28.07
C PRO A 234 -10.68 -1.17 27.44
N VAL A 235 -9.86 -2.06 26.89
CA VAL A 235 -8.64 -1.63 26.18
C VAL A 235 -8.97 -0.94 24.85
N ILE A 236 -9.97 -1.45 24.13
CA ILE A 236 -10.43 -0.79 22.91
C ILE A 236 -11.01 0.59 23.25
N ARG A 237 -11.80 0.65 24.32
CA ARG A 237 -12.42 1.90 24.76
C ARG A 237 -11.38 2.99 25.06
N GLU A 238 -10.27 2.60 25.67
CA GLU A 238 -9.22 3.56 25.97
C GLU A 238 -8.33 3.90 24.77
N LEU A 239 -8.29 3.01 23.78
CA LEU A 239 -7.47 3.23 22.59
C LEU A 239 -8.16 4.11 21.54
N LEU A 240 -9.48 4.22 21.61
CA LEU A 240 -10.27 5.00 20.62
C LEU A 240 -9.66 6.32 20.16
N PRO A 241 -9.21 7.19 21.12
CA PRO A 241 -8.67 8.49 20.70
C PRO A 241 -7.39 8.40 19.87
N ARG A 242 -6.68 7.28 19.98
CA ARG A 242 -5.44 7.07 19.24
C ARG A 242 -5.70 6.54 17.84
N VAL A 243 -6.97 6.32 17.50
CA VAL A 243 -7.37 5.87 16.18
C VAL A 243 -7.66 7.10 15.33
N GLY A 244 -6.82 7.33 14.33
CA GLY A 244 -6.92 8.52 13.51
C GLY A 244 -7.82 8.30 12.32
N ARG A 245 -8.77 7.38 12.46
CA ARG A 245 -9.68 7.03 11.38
C ARG A 245 -11.11 7.08 11.90
N GLN A 246 -12.05 7.23 10.98
CA GLN A 246 -13.46 7.13 11.31
C GLN A 246 -13.71 5.77 11.96
N THR A 247 -14.48 5.80 13.04
CA THR A 247 -14.69 4.63 13.87
C THR A 247 -16.18 4.44 14.13
N THR A 248 -16.66 3.22 13.97
CA THR A 248 -17.97 2.85 14.46
C THR A 248 -17.87 1.72 15.48
N THR A 249 -18.25 2.04 16.71
CA THR A 249 -18.17 1.10 17.83
C THR A 249 -19.41 0.24 17.89
N TYR A 250 -19.28 -0.94 18.48
CA TYR A 250 -20.40 -1.83 18.74
C TYR A 250 -20.26 -2.44 20.12
N GLY A 251 -21.36 -2.98 20.64
CA GLY A 251 -21.33 -3.66 21.92
C GLY A 251 -22.60 -3.53 22.73
N PHE A 252 -22.57 -4.03 23.96
CA PHE A 252 -23.70 -3.89 24.85
C PHE A 252 -23.72 -2.52 25.51
N SER A 253 -22.55 -1.88 25.62
CA SER A 253 -22.41 -0.53 26.19
C SER A 253 -23.44 0.45 25.64
N GLU A 254 -23.90 1.35 26.50
CA GLU A 254 -25.00 2.25 26.12
C GLU A 254 -24.61 3.28 25.06
N ASP A 255 -23.35 3.70 25.05
CA ASP A 255 -22.86 4.72 24.12
C ASP A 255 -22.48 4.19 22.72
N ALA A 256 -22.33 2.87 22.60
CA ALA A 256 -21.96 2.21 21.33
C ALA A 256 -22.79 2.66 20.15
N ASP A 257 -22.15 2.85 19.01
CA ASP A 257 -22.84 3.27 17.80
C ASP A 257 -23.80 2.21 17.30
N VAL A 258 -23.38 0.96 17.39
CA VAL A 258 -24.29 -0.14 17.20
C VAL A 258 -24.38 -0.91 18.49
N ARG A 259 -25.59 -1.01 19.03
CA ARG A 259 -25.79 -1.38 20.41
C ARG A 259 -26.64 -2.61 20.51
N VAL A 260 -26.17 -3.57 21.29
CA VAL A 260 -26.88 -4.82 21.52
C VAL A 260 -27.66 -4.77 22.82
N GLU A 261 -28.83 -5.38 22.81
CA GLU A 261 -29.66 -5.40 23.98
C GLU A 261 -30.79 -6.40 23.81
N ASP A 262 -31.52 -6.65 24.88
CA ASP A 262 -32.59 -7.66 24.86
C ASP A 262 -32.08 -9.03 24.45
N TYR A 263 -30.82 -9.33 24.80
CA TYR A 263 -30.26 -10.61 24.41
C TYR A 263 -30.81 -11.76 25.23
N GLN A 264 -31.23 -12.81 24.53
CA GLN A 264 -31.48 -14.10 25.16
C GLN A 264 -31.20 -15.24 24.19
N GLN A 265 -30.54 -16.28 24.72
CA GLN A 265 -30.22 -17.49 23.97
C GLN A 265 -31.32 -18.53 24.16
N ILE A 266 -31.86 -19.02 23.06
CA ILE A 266 -32.83 -20.12 23.09
C ILE A 266 -32.25 -21.32 22.32
N GLY A 267 -31.60 -22.21 23.06
CA GLY A 267 -30.94 -23.36 22.47
C GLY A 267 -29.67 -22.97 21.73
N PRO A 268 -29.54 -23.39 20.46
CA PRO A 268 -28.36 -23.05 19.67
C PRO A 268 -28.35 -21.61 19.14
N GLN A 269 -29.48 -20.91 19.27
CA GLN A 269 -29.64 -19.58 18.68
C GLN A 269 -29.63 -18.46 19.71
N GLY A 270 -29.42 -17.23 19.22
CA GLY A 270 -29.49 -16.03 20.05
C GLY A 270 -30.50 -15.07 19.48
N HIS A 271 -31.22 -14.37 20.35
CA HIS A 271 -32.23 -13.41 19.94
C HIS A 271 -31.96 -12.07 20.62
N PHE A 272 -31.74 -11.03 19.82
CA PHE A 272 -31.37 -9.72 20.33
C PHE A 272 -31.77 -8.60 19.39
N THR A 273 -31.63 -7.36 19.88
CA THR A 273 -31.97 -6.18 19.11
C THR A 273 -30.70 -5.36 18.84
N LEU A 274 -30.65 -4.77 17.65
CA LEU A 274 -29.53 -3.94 17.21
C LEU A 274 -29.98 -2.54 16.91
N LEU A 275 -29.45 -1.59 17.67
CA LEU A 275 -29.77 -0.18 17.48
C LEU A 275 -28.71 0.48 16.62
N ARG A 276 -29.13 1.03 15.49
CA ARG A 276 -28.21 1.69 14.58
C ARG A 276 -28.66 3.11 14.30
N GLN A 277 -27.69 4.01 14.12
CA GLN A 277 -27.93 5.40 13.73
C GLN A 277 -28.76 5.47 12.44
N ASP A 278 -29.84 6.26 12.48
CA ASP A 278 -30.76 6.46 11.34
C ASP A 278 -31.55 5.21 10.93
N LYS A 279 -31.64 4.23 11.82
CA LYS A 279 -32.36 2.99 11.53
C LYS A 279 -33.37 2.63 12.61
N GLU A 280 -34.52 2.11 12.18
CA GLU A 280 -35.47 1.47 13.08
C GLU A 280 -34.79 0.27 13.76
N PRO A 281 -35.04 0.06 15.07
CA PRO A 281 -34.42 -1.07 15.79
C PRO A 281 -34.55 -2.37 15.00
N MSE A 282 -33.51 -3.20 15.06
CA MSE A 282 -33.44 -4.43 14.28
C MSE A 282 -33.46 -5.67 15.18
O MSE A 282 -32.56 -5.86 16.00
CB MSE A 282 -32.20 -4.41 13.38
CG MSE A 282 -31.86 -5.74 12.69
SE MSE A 282 -30.18 -5.69 11.66
CE MSE A 282 -30.92 -5.40 9.88
N ARG A 283 -34.49 -6.50 15.01
CA ARG A 283 -34.63 -7.73 15.79
C ARG A 283 -33.93 -8.88 15.08
N VAL A 284 -32.92 -9.45 15.72
CA VAL A 284 -32.04 -10.43 15.08
C VAL A 284 -32.16 -11.85 15.65
N THR A 285 -32.41 -12.81 14.78
CA THR A 285 -32.28 -14.23 15.09
C THR A 285 -30.92 -14.69 14.56
N LEU A 286 -30.04 -15.09 15.47
CA LEU A 286 -28.67 -15.47 15.12
C LEU A 286 -28.49 -16.97 15.27
N ASN A 287 -28.18 -17.65 14.17
CA ASN A 287 -27.90 -19.09 14.23
C ASN A 287 -26.53 -19.39 14.86
N ALA A 288 -26.36 -18.92 16.08
CA ALA A 288 -25.14 -19.12 16.86
C ALA A 288 -25.43 -18.78 18.33
N PRO A 289 -24.83 -19.55 19.27
CA PRO A 289 -25.07 -19.33 20.70
C PRO A 289 -24.13 -18.32 21.35
N GLY A 290 -24.51 -17.81 22.51
CA GLY A 290 -23.63 -17.00 23.34
C GLY A 290 -23.59 -15.54 22.93
N ARG A 291 -23.60 -14.66 23.92
CA ARG A 291 -23.58 -13.23 23.68
C ARG A 291 -22.27 -12.73 23.06
N HIS A 292 -21.23 -13.57 23.08
CA HIS A 292 -20.00 -13.28 22.37
C HIS A 292 -20.21 -13.29 20.84
N ASN A 293 -21.04 -14.20 20.36
CA ASN A 293 -21.39 -14.24 18.93
C ASN A 293 -22.39 -13.16 18.55
N ALA A 294 -23.10 -12.64 19.54
CA ALA A 294 -23.98 -11.51 19.31
C ALA A 294 -23.11 -10.30 18.97
N LEU A 295 -22.03 -10.14 19.73
CA LEU A 295 -21.06 -9.08 19.48
C LEU A 295 -20.43 -9.25 18.11
N ASN A 296 -20.05 -10.49 17.80
CA ASN A 296 -19.54 -10.86 16.48
C ASN A 296 -20.51 -10.49 15.36
N ALA A 297 -21.80 -10.76 15.57
CA ALA A 297 -22.82 -10.42 14.58
C ALA A 297 -22.99 -8.90 14.42
N ALA A 298 -22.83 -8.17 15.52
CA ALA A 298 -22.95 -6.71 15.52
C ALA A 298 -21.85 -6.07 14.69
N ALA A 299 -20.64 -6.56 14.86
CA ALA A 299 -19.50 -6.14 14.05
C ALA A 299 -19.81 -6.31 12.56
N ALA A 300 -20.26 -7.51 12.18
CA ALA A 300 -20.61 -7.84 10.81
C ALA A 300 -21.70 -6.93 10.28
N VAL A 301 -22.75 -6.70 11.07
CA VAL A 301 -23.83 -5.79 10.70
C VAL A 301 -23.32 -4.36 10.52
N ALA A 302 -22.44 -3.92 11.42
CA ALA A 302 -21.84 -2.59 11.31
C ALA A 302 -21.15 -2.41 9.95
N VAL A 303 -20.37 -3.42 9.53
CA VAL A 303 -19.68 -3.39 8.24
C VAL A 303 -20.69 -3.38 7.09
N ALA A 304 -21.69 -4.25 7.17
CA ALA A 304 -22.69 -4.40 6.10
C ALA A 304 -23.57 -3.17 5.93
N THR A 305 -23.91 -2.53 7.04
CA THR A 305 -24.70 -1.29 7.02
C THR A 305 -23.92 -0.16 6.35
N GLU A 306 -22.64 -0.06 6.69
CA GLU A 306 -21.76 0.94 6.08
C GLU A 306 -21.59 0.70 4.58
N GLU A 307 -21.73 -0.55 4.16
CA GLU A 307 -21.64 -0.91 2.74
C GLU A 307 -22.94 -0.51 2.04
N GLY A 308 -24.01 -0.38 2.82
CA GLY A 308 -25.34 -0.13 2.28
C GLY A 308 -25.98 -1.41 1.75
N ILE A 309 -25.67 -2.54 2.40
CA ILE A 309 -26.32 -3.80 2.08
C ILE A 309 -27.72 -3.83 2.69
N ASP A 310 -28.70 -4.25 1.89
CA ASP A 310 -30.10 -4.37 2.33
C ASP A 310 -30.26 -5.21 3.60
N ASP A 311 -31.11 -4.73 4.52
CA ASP A 311 -31.31 -5.35 5.83
C ASP A 311 -31.86 -6.78 5.79
N GLU A 312 -32.74 -7.06 4.84
CA GLU A 312 -33.31 -8.40 4.69
C GLU A 312 -32.20 -9.40 4.44
N ALA A 313 -31.26 -9.03 3.57
CA ALA A 313 -30.07 -9.81 3.28
C ALA A 313 -29.23 -10.05 4.52
N ILE A 314 -29.04 -9.00 5.32
CA ILE A 314 -28.31 -9.13 6.59
C ILE A 314 -29.04 -10.13 7.49
N LEU A 315 -30.37 -9.99 7.58
CA LEU A 315 -31.20 -10.83 8.43
C LEU A 315 -31.29 -12.29 7.99
N ARG A 316 -31.33 -12.55 6.68
CA ARG A 316 -31.39 -13.92 6.18
C ARG A 316 -30.08 -14.66 6.43
N ALA A 317 -28.97 -13.96 6.17
CA ALA A 317 -27.63 -14.51 6.36
C ALA A 317 -27.37 -14.93 7.80
N LEU A 318 -27.70 -14.04 8.74
CA LEU A 318 -27.47 -14.29 10.16
C LEU A 318 -28.38 -15.37 10.72
N GLU A 319 -29.60 -15.42 10.19
CA GLU A 319 -30.60 -16.39 10.62
C GLU A 319 -30.22 -17.82 10.24
N SER A 320 -29.56 -17.98 9.10
CA SER A 320 -29.16 -19.31 8.63
C SER A 320 -27.65 -19.56 8.64
N PHE A 321 -26.90 -18.71 9.35
CA PHE A 321 -25.44 -18.86 9.46
C PHE A 321 -25.05 -20.27 9.90
N GLN A 322 -24.21 -20.91 9.11
CA GLN A 322 -23.89 -22.33 9.32
C GLN A 322 -22.62 -22.60 10.15
N GLY A 323 -22.01 -21.53 10.65
CA GLY A 323 -20.84 -21.66 11.51
C GLY A 323 -19.54 -21.97 10.79
N THR A 324 -18.51 -22.27 11.57
CA THR A 324 -17.21 -22.68 11.04
C THR A 324 -16.70 -23.95 11.69
N GLY A 325 -15.73 -24.60 11.04
CA GLY A 325 -15.10 -25.80 11.57
C GLY A 325 -14.55 -25.58 12.97
N ARG A 326 -14.92 -26.49 13.87
CA ARG A 326 -14.46 -26.51 15.27
C ARG A 326 -14.72 -25.22 16.08
N ARG A 327 -15.80 -24.51 15.77
CA ARG A 327 -16.17 -23.33 16.57
C ARG A 327 -17.59 -23.52 17.11
N PHE A 328 -17.68 -24.08 18.31
CA PHE A 328 -18.91 -24.61 18.89
C PHE A 328 -19.62 -25.56 17.90
N ASP A 329 -18.82 -26.47 17.34
CA ASP A 329 -19.24 -27.33 16.25
C ASP A 329 -19.97 -28.57 16.77
N PHE A 330 -21.29 -28.56 16.63
CA PHE A 330 -22.15 -29.65 17.10
C PHE A 330 -22.04 -30.83 16.15
N LEU A 331 -21.53 -31.95 16.66
CA LEU A 331 -21.23 -33.12 15.84
C LEU A 331 -22.34 -34.17 15.85
N GLY A 332 -23.13 -34.19 16.92
CA GLY A 332 -24.28 -35.09 17.02
C GLY A 332 -24.79 -35.32 18.43
N GLU A 333 -25.98 -35.91 18.52
CA GLU A 333 -26.55 -36.34 19.79
C GLU A 333 -26.65 -37.86 19.80
N PHE A 334 -26.15 -38.47 20.87
CA PHE A 334 -25.98 -39.92 20.90
C PHE A 334 -26.71 -40.59 22.08
N PRO A 335 -27.34 -41.76 21.82
CA PRO A 335 -27.98 -42.55 22.87
C PRO A 335 -26.95 -43.17 23.82
N LEU A 336 -27.24 -43.10 25.11
CA LEU A 336 -26.38 -43.70 26.14
C LEU A 336 -26.76 -45.17 26.39
N GLU A 337 -26.51 -46.01 25.39
CA GLU A 337 -26.92 -47.41 25.45
C GLU A 337 -25.76 -48.38 25.13
N PRO A 338 -25.22 -48.35 23.88
CA PRO A 338 -24.03 -49.15 23.60
C PRO A 338 -22.78 -48.62 24.30
N VAL A 339 -22.91 -47.46 24.95
CA VAL A 339 -21.90 -46.93 25.85
C VAL A 339 -22.60 -46.70 27.20
N ASN A 340 -21.89 -46.96 28.30
CA ASN A 340 -22.46 -46.98 29.65
C ASN A 340 -23.54 -48.06 29.80
N GLY A 341 -24.74 -47.77 29.30
CA GLY A 341 -25.87 -48.70 29.37
C GLY A 341 -27.14 -48.04 29.89
N LYS A 342 -27.05 -46.78 30.28
CA LYS A 342 -28.19 -46.02 30.82
C LYS A 342 -29.26 -45.73 29.77
N SER A 343 -30.05 -44.69 29.99
CA SER A 343 -31.06 -44.24 29.02
C SER A 343 -31.06 -42.72 28.90
N GLY A 344 -31.11 -42.23 27.66
CA GLY A 344 -31.11 -40.80 27.39
C GLY A 344 -30.18 -40.40 26.25
N THR A 345 -29.64 -39.19 26.34
CA THR A 345 -28.80 -38.62 25.28
C THR A 345 -27.59 -37.86 25.79
N ALA A 346 -26.45 -38.10 25.15
CA ALA A 346 -25.22 -37.35 25.41
C ALA A 346 -24.79 -36.58 24.16
N MSE A 347 -24.49 -35.30 24.33
CA MSE A 347 -24.17 -34.41 23.20
C MSE A 347 -22.67 -34.24 23.00
O MSE A 347 -21.89 -34.34 23.94
CB MSE A 347 -24.82 -33.04 23.39
CG MSE A 347 -26.33 -33.01 23.20
SE MSE A 347 -27.02 -31.19 23.23
CE MSE A 347 -26.77 -30.77 25.09
N LEU A 348 -22.28 -33.98 21.75
CA LEU A 348 -20.89 -33.75 21.39
C LEU A 348 -20.70 -32.38 20.73
N VAL A 349 -19.95 -31.51 21.38
CA VAL A 349 -19.63 -30.20 20.83
C VAL A 349 -18.12 -30.00 20.75
N ASP A 350 -17.66 -29.67 19.54
CA ASP A 350 -16.24 -29.50 19.25
C ASP A 350 -15.91 -28.01 19.20
N ASP A 351 -14.85 -27.61 19.92
CA ASP A 351 -14.42 -26.20 19.91
C ASP A 351 -12.91 -26.02 19.95
N TYR A 352 -12.44 -25.08 19.13
CA TYR A 352 -11.03 -24.75 18.96
C TYR A 352 -10.46 -23.96 20.15
N GLY A 353 -11.35 -23.28 20.88
CA GLY A 353 -10.96 -22.36 21.96
C GLY A 353 -9.88 -22.87 22.89
N HIS A 354 -8.77 -22.12 22.95
CA HIS A 354 -7.58 -22.53 23.71
C HIS A 354 -7.13 -21.51 24.75
N HIS A 355 -7.79 -20.35 24.76
CA HIS A 355 -7.48 -19.27 25.68
C HIS A 355 -8.64 -19.14 26.67
N PRO A 356 -8.34 -19.00 27.98
CA PRO A 356 -9.36 -18.94 29.04
C PRO A 356 -10.63 -18.20 28.66
N THR A 357 -10.51 -17.08 27.95
CA THR A 357 -11.68 -16.28 27.53
C THR A 357 -12.57 -17.04 26.55
N GLU A 358 -11.92 -17.68 25.56
CA GLU A 358 -12.62 -18.52 24.59
C GLU A 358 -13.32 -19.66 25.32
N VAL A 359 -12.56 -20.37 26.15
CA VAL A 359 -13.08 -21.49 26.93
C VAL A 359 -14.25 -21.06 27.81
N ASP A 360 -14.08 -19.94 28.51
CA ASP A 360 -15.13 -19.40 29.37
C ASP A 360 -16.41 -19.13 28.55
N ALA A 361 -16.23 -18.60 27.35
CA ALA A 361 -17.35 -18.26 26.47
C ALA A 361 -18.09 -19.49 25.97
N THR A 362 -17.38 -20.61 25.87
CA THR A 362 -17.99 -21.87 25.44
C THR A 362 -18.85 -22.45 26.55
N ILE A 363 -18.34 -22.43 27.78
CA ILE A 363 -19.09 -22.85 28.96
C ILE A 363 -20.32 -21.96 29.14
N LYS A 364 -20.11 -20.65 29.07
CA LYS A 364 -21.21 -19.68 29.16
C LYS A 364 -22.30 -19.97 28.13
N ALA A 365 -21.90 -20.36 26.93
CA ALA A 365 -22.83 -20.65 25.84
C ALA A 365 -23.55 -21.98 25.99
N ALA A 366 -22.85 -22.97 26.56
CA ALA A 366 -23.44 -24.28 26.83
C ALA A 366 -24.51 -24.18 27.91
N ARG A 367 -24.18 -23.49 29.00
CA ARG A 367 -25.07 -23.33 30.15
C ARG A 367 -26.40 -22.67 29.79
N ALA A 368 -26.33 -21.55 29.08
CA ALA A 368 -27.53 -20.91 28.55
C ALA A 368 -27.99 -21.68 27.31
N GLY A 369 -29.29 -21.79 27.12
CA GLY A 369 -29.81 -22.58 25.99
C GLY A 369 -29.91 -24.07 26.27
N TRP A 370 -29.04 -24.59 27.14
CA TRP A 370 -29.15 -25.96 27.65
C TRP A 370 -28.85 -26.03 29.16
N PRO A 371 -29.73 -25.44 30.00
CA PRO A 371 -29.44 -25.28 31.43
C PRO A 371 -29.49 -26.59 32.23
N ASP A 372 -30.43 -27.46 31.91
CA ASP A 372 -30.61 -28.73 32.61
C ASP A 372 -29.81 -29.83 31.91
N LYS A 373 -28.49 -29.72 32.00
CA LYS A 373 -27.57 -30.64 31.33
C LYS A 373 -26.29 -30.80 32.14
N ASN A 374 -25.62 -31.94 31.98
CA ASN A 374 -24.36 -32.20 32.65
C ASN A 374 -23.18 -31.76 31.77
N LEU A 375 -22.43 -30.77 32.23
CA LEU A 375 -21.30 -30.24 31.48
C LEU A 375 -20.06 -31.11 31.66
N VAL A 376 -19.74 -31.88 30.62
CA VAL A 376 -18.54 -32.70 30.58
C VAL A 376 -17.57 -32.09 29.57
N MSE A 377 -16.31 -31.89 29.98
CA MSE A 377 -15.32 -31.29 29.09
C MSE A 377 -14.07 -32.15 28.95
O MSE A 377 -13.50 -32.60 29.94
CB MSE A 377 -14.95 -29.87 29.54
CG MSE A 377 -13.93 -29.18 28.65
SE MSE A 377 -13.52 -27.34 29.16
CE MSE A 377 -15.25 -26.53 28.75
N LEU A 378 -13.67 -32.36 27.70
CA LEU A 378 -12.37 -32.93 27.38
C LEU A 378 -11.49 -31.76 26.96
N PHE A 379 -10.43 -31.49 27.71
CA PHE A 379 -9.61 -30.30 27.45
C PHE A 379 -8.13 -30.57 27.24
N GLN A 380 -7.63 -30.20 26.06
CA GLN A 380 -6.20 -30.29 25.77
C GLN A 380 -5.61 -28.89 25.71
N PRO A 381 -4.89 -28.48 26.78
CA PRO A 381 -4.24 -27.17 26.80
C PRO A 381 -3.16 -27.07 25.73
N HIS A 382 -2.95 -25.87 25.21
CA HIS A 382 -2.07 -25.68 24.06
C HIS A 382 -0.77 -24.99 24.44
N ARG A 383 0.33 -25.73 24.32
CA ARG A 383 1.69 -25.25 24.62
C ARG A 383 1.99 -24.90 26.07
N PHE A 384 3.08 -25.46 26.59
CA PHE A 384 3.61 -25.10 27.92
C PHE A 384 3.89 -23.60 27.95
N THR A 385 4.42 -23.11 26.83
CA THR A 385 4.66 -21.69 26.60
C THR A 385 3.48 -20.82 27.02
N ARG A 386 2.26 -21.36 26.90
CA ARG A 386 1.03 -20.63 27.20
C ARG A 386 0.49 -20.96 28.60
N THR A 387 0.52 -22.24 28.95
CA THR A 387 -0.08 -22.71 30.21
C THR A 387 0.54 -22.07 31.46
N ARG A 388 1.83 -21.73 31.39
CA ARG A 388 2.54 -21.09 32.50
C ARG A 388 2.01 -19.68 32.80
N ASP A 389 1.98 -18.83 31.78
CA ASP A 389 1.64 -17.42 31.93
C ASP A 389 0.21 -17.19 32.38
N LEU A 390 -0.69 -18.11 32.01
CA LEU A 390 -2.10 -18.01 32.36
C LEU A 390 -2.55 -19.14 33.30
N TYR A 391 -1.61 -19.64 34.10
CA TYR A 391 -1.88 -20.72 35.05
C TYR A 391 -3.10 -20.42 35.94
N ASP A 392 -3.12 -19.22 36.49
CA ASP A 392 -4.23 -18.76 37.34
C ASP A 392 -5.58 -18.75 36.62
N ASP A 393 -5.61 -18.14 35.43
CA ASP A 393 -6.85 -17.96 34.67
C ASP A 393 -7.46 -19.28 34.19
N PHE A 394 -6.60 -20.22 33.78
CA PHE A 394 -7.03 -21.54 33.35
C PHE A 394 -7.80 -22.28 34.45
N ALA A 395 -7.20 -22.33 35.64
CA ALA A 395 -7.81 -23.00 36.80
C ALA A 395 -9.14 -22.36 37.22
N ASN A 396 -9.18 -21.02 37.24
CA ASN A 396 -10.38 -20.29 37.61
C ASN A 396 -11.54 -20.47 36.61
N VAL A 397 -11.19 -20.70 35.34
CA VAL A 397 -12.19 -20.84 34.27
C VAL A 397 -12.71 -22.26 34.13
N LEU A 398 -11.79 -23.21 34.04
CA LEU A 398 -12.11 -24.63 33.82
C LEU A 398 -13.00 -25.24 34.91
N THR A 399 -12.93 -24.68 36.11
CA THR A 399 -13.69 -25.19 37.26
C THR A 399 -15.20 -24.92 37.18
N GLN A 400 -15.62 -24.13 36.20
CA GLN A 400 -17.02 -23.73 36.06
C GLN A 400 -17.94 -24.82 35.46
N VAL A 401 -17.35 -25.94 35.05
CA VAL A 401 -18.11 -27.04 34.45
C VAL A 401 -18.76 -27.93 35.52
N ASP A 402 -19.24 -29.11 35.12
CA ASP A 402 -19.69 -30.12 36.06
C ASP A 402 -18.58 -31.13 36.32
N THR A 403 -18.36 -32.03 35.37
CA THR A 403 -17.21 -32.93 35.40
C THR A 403 -16.23 -32.54 34.30
N LEU A 404 -14.96 -32.93 34.44
CA LEU A 404 -13.92 -32.50 33.51
C LEU A 404 -12.83 -33.55 33.32
N LEU A 405 -12.44 -33.76 32.07
CA LEU A 405 -11.30 -34.61 31.72
C LEU A 405 -10.22 -33.77 31.05
N MSE A 406 -8.95 -34.14 31.26
CA MSE A 406 -7.83 -33.40 30.66
C MSE A 406 -6.82 -34.31 29.97
O MSE A 406 -6.48 -35.38 30.48
CB MSE A 406 -7.10 -32.57 31.71
CG MSE A 406 -7.86 -31.37 32.24
SE MSE A 406 -6.60 -29.98 32.75
CE MSE A 406 -7.66 -29.06 34.12
N LEU A 407 -6.36 -33.87 28.80
CA LEU A 407 -5.24 -34.53 28.13
C LEU A 407 -3.93 -33.84 28.47
N GLU A 408 -2.83 -34.46 28.05
CA GLU A 408 -1.50 -33.90 28.26
C GLU A 408 -1.26 -32.73 27.29
N VAL A 409 -0.60 -31.69 27.79
CA VAL A 409 -0.33 -30.46 27.02
C VAL A 409 0.24 -30.75 25.64
N TYR A 410 -0.45 -30.24 24.61
CA TYR A 410 0.04 -30.34 23.23
C TYR A 410 1.27 -29.47 23.05
N PRO A 411 2.38 -30.06 22.60
CA PRO A 411 3.67 -29.35 22.58
C PRO A 411 3.84 -28.38 21.40
N ALA A 412 3.66 -28.88 20.18
CA ALA A 412 3.96 -28.15 18.94
C ALA A 412 5.40 -27.62 18.94
N GLY A 413 6.27 -28.32 19.66
CA GLY A 413 7.63 -27.85 19.95
C GLY A 413 7.71 -27.45 21.41
N GLU A 414 8.48 -26.40 21.68
CA GLU A 414 8.61 -25.79 23.02
C GLU A 414 8.73 -26.80 24.17
N ALA A 415 9.97 -27.18 24.50
CA ALA A 415 10.27 -28.21 25.51
C ALA A 415 9.46 -28.06 26.81
N PRO A 416 8.96 -29.19 27.37
CA PRO A 416 8.11 -29.21 28.55
C PRO A 416 8.65 -28.44 29.75
N ILE A 417 7.93 -27.39 30.14
CA ILE A 417 8.23 -26.67 31.37
C ILE A 417 7.57 -27.39 32.54
N PRO A 418 8.39 -27.88 33.51
CA PRO A 418 7.87 -28.57 34.70
C PRO A 418 7.02 -27.66 35.58
N GLY A 419 5.87 -28.18 36.03
CA GLY A 419 4.92 -27.38 36.81
C GLY A 419 3.84 -26.73 35.96
N ALA A 420 4.07 -26.72 34.64
CA ALA A 420 3.08 -26.24 33.67
C ALA A 420 2.32 -27.42 33.05
N ASP A 421 2.60 -28.62 33.57
CA ASP A 421 1.97 -29.87 33.10
C ASP A 421 0.47 -29.89 33.33
N SER A 422 -0.20 -30.85 32.69
CA SER A 422 -1.62 -31.11 32.94
C SER A 422 -1.81 -31.60 34.37
N ARG A 423 -0.93 -32.52 34.78
CA ARG A 423 -0.92 -33.07 36.14
C ARG A 423 -0.87 -32.01 37.22
N SER A 424 -0.15 -30.92 36.94
CA SER A 424 -0.07 -29.77 37.84
C SER A 424 -1.43 -29.07 37.98
N LEU A 425 -2.12 -28.95 36.84
CA LEU A 425 -3.41 -28.26 36.78
C LEU A 425 -4.56 -29.05 37.38
N CYS A 426 -4.62 -30.34 37.06
CA CYS A 426 -5.73 -31.20 37.51
C CYS A 426 -5.61 -31.60 38.98
N ARG A 427 -5.47 -30.58 39.84
CA ARG A 427 -5.43 -30.73 41.28
C ARG A 427 -5.79 -29.38 41.89
N THR A 428 -5.30 -28.32 41.26
CA THR A 428 -5.56 -26.95 41.70
C THR A 428 -6.98 -26.54 41.31
N ASP A 436 -11.76 -32.06 41.86
CA ASP A 436 -12.64 -32.88 41.03
C ASP A 436 -12.02 -33.39 39.71
N PRO A 437 -11.05 -32.64 39.13
CA PRO A 437 -10.48 -33.00 37.82
C PRO A 437 -9.89 -34.42 37.72
N ILE A 438 -9.88 -34.96 36.51
CA ILE A 438 -9.35 -36.29 36.20
C ILE A 438 -8.52 -36.28 34.91
N LEU A 439 -7.23 -36.64 35.04
CA LEU A 439 -6.30 -36.66 33.90
C LEU A 439 -6.53 -37.87 32.99
N VAL A 440 -6.11 -37.75 31.73
CA VAL A 440 -6.13 -38.84 30.76
C VAL A 440 -4.77 -38.93 30.06
N PRO A 441 -4.05 -40.05 30.25
CA PRO A 441 -2.77 -40.24 29.55
C PRO A 441 -2.93 -40.91 28.18
N ASP A 442 -3.71 -41.98 28.10
CA ASP A 442 -3.90 -42.73 26.87
C ASP A 442 -4.82 -42.00 25.88
N PRO A 443 -4.29 -41.66 24.69
CA PRO A 443 -5.09 -41.00 23.65
C PRO A 443 -5.93 -41.98 22.82
N ALA A 444 -5.51 -43.24 22.76
CA ALA A 444 -6.20 -44.27 21.99
C ALA A 444 -7.47 -44.76 22.69
N ARG A 445 -7.47 -44.68 24.02
CA ARG A 445 -8.64 -45.04 24.83
C ARG A 445 -9.18 -43.80 25.51
N VAL A 446 -10.18 -43.18 24.88
CA VAL A 446 -10.79 -41.93 25.37
C VAL A 446 -12.26 -42.15 25.71
N ALA A 447 -12.95 -42.92 24.87
CA ALA A 447 -14.35 -43.28 25.11
C ALA A 447 -14.50 -44.18 26.34
N GLU A 448 -13.45 -44.95 26.63
CA GLU A 448 -13.37 -45.75 27.85
C GLU A 448 -13.27 -44.88 29.11
N MSE A 449 -12.45 -43.83 29.04
CA MSE A 449 -12.30 -42.85 30.12
C MSE A 449 -13.61 -42.10 30.35
O MSE A 449 -13.95 -41.74 31.48
CB MSE A 449 -11.20 -41.85 29.79
CG MSE A 449 -9.88 -42.46 29.34
SE MSE A 449 -8.71 -42.94 30.83
CE MSE A 449 -7.25 -43.79 29.82
N LEU A 450 -14.34 -41.86 29.25
CA LEU A 450 -15.54 -41.05 29.26
C LEU A 450 -16.77 -41.79 29.79
N ALA A 451 -16.78 -43.11 29.61
CA ALA A 451 -17.93 -43.94 29.99
C ALA A 451 -18.40 -43.80 31.45
N PRO A 452 -17.50 -44.01 32.44
CA PRO A 452 -17.99 -44.00 33.84
C PRO A 452 -18.45 -42.63 34.38
N VAL A 453 -18.50 -41.61 33.53
CA VAL A 453 -18.89 -40.26 33.97
C VAL A 453 -20.00 -39.61 33.12
N LEU A 454 -20.76 -40.42 32.41
CA LEU A 454 -21.89 -39.94 31.62
C LEU A 454 -23.21 -40.28 32.31
N THR A 455 -24.00 -39.26 32.64
CA THR A 455 -25.28 -39.47 33.33
C THR A 455 -26.39 -39.88 32.36
N GLY A 456 -27.36 -39.01 32.13
CA GLY A 456 -28.47 -39.28 31.22
C GLY A 456 -28.79 -38.13 30.29
N ASN A 457 -28.50 -36.91 30.76
CA ASN A 457 -28.74 -35.69 29.99
C ASN A 457 -27.44 -34.88 29.88
N ASP A 458 -26.63 -35.22 28.89
CA ASP A 458 -25.25 -34.72 28.82
C ASP A 458 -24.94 -33.79 27.65
N LEU A 459 -23.88 -32.99 27.84
CA LEU A 459 -23.26 -32.19 26.79
C LEU A 459 -21.75 -32.26 26.95
N ILE A 460 -21.13 -33.18 26.21
CA ILE A 460 -19.68 -33.29 26.20
C ILE A 460 -19.10 -32.17 25.35
N LEU A 461 -18.02 -31.58 25.83
CA LEU A 461 -17.41 -30.43 25.18
C LEU A 461 -15.92 -30.69 24.97
N VAL A 462 -15.56 -30.90 23.71
CA VAL A 462 -14.16 -31.15 23.36
C VAL A 462 -13.48 -29.83 23.05
N GLN A 463 -12.51 -29.46 23.90
CA GLN A 463 -11.90 -28.14 23.88
C GLN A 463 -10.42 -28.14 23.55
N GLY A 464 -9.97 -27.05 22.92
CA GLY A 464 -8.56 -26.86 22.62
C GLY A 464 -8.21 -27.00 21.16
N ALA A 465 -7.00 -26.56 20.81
CA ALA A 465 -6.49 -26.67 19.47
C ALA A 465 -5.89 -28.06 19.27
N GLY A 466 -4.55 -28.14 19.24
CA GLY A 466 -3.82 -29.40 19.12
C GLY A 466 -4.46 -30.48 18.25
N ASN A 467 -4.20 -31.74 18.62
CA ASN A 467 -4.75 -32.87 17.89
C ASN A 467 -6.04 -33.41 18.50
N ILE A 468 -6.60 -32.66 19.45
CA ILE A 468 -7.87 -33.02 20.09
C ILE A 468 -9.02 -32.99 19.07
N GLY A 469 -8.79 -32.30 17.95
CA GLY A 469 -9.75 -32.27 16.84
C GLY A 469 -9.86 -33.61 16.15
N LYS A 470 -8.73 -34.30 16.01
CA LYS A 470 -8.71 -35.65 15.45
C LYS A 470 -9.38 -36.64 16.42
N ILE A 471 -9.19 -36.43 17.71
CA ILE A 471 -9.81 -37.25 18.76
C ILE A 471 -11.29 -36.93 18.91
N ALA A 472 -11.71 -35.78 18.40
CA ALA A 472 -13.11 -35.35 18.46
C ALA A 472 -13.96 -36.04 17.39
N ARG A 473 -13.47 -36.02 16.16
CA ARG A 473 -14.16 -36.64 15.03
C ARG A 473 -14.28 -38.15 15.21
N SER A 474 -13.24 -38.76 15.81
CA SER A 474 -13.25 -40.19 16.17
C SER A 474 -14.40 -40.49 17.12
N LEU A 475 -14.47 -39.73 18.22
CA LEU A 475 -15.53 -39.87 19.21
C LEU A 475 -16.92 -39.64 18.63
N ALA A 476 -16.96 -39.13 17.39
CA ALA A 476 -18.21 -38.96 16.66
C ALA A 476 -18.42 -40.13 15.70
N GLU A 477 -17.33 -40.61 15.10
CA GLU A 477 -17.36 -41.75 14.17
C GLU A 477 -17.90 -43.01 14.85
N ILE A 478 -17.41 -43.27 16.05
CA ILE A 478 -17.73 -44.49 16.80
C ILE A 478 -19.06 -44.39 17.54
N LYS A 479 -19.70 -43.22 17.48
CA LYS A 479 -20.94 -42.91 18.21
C LYS A 479 -20.80 -43.10 19.73
N LEU A 480 -19.55 -43.03 20.20
CA LEU A 480 -19.17 -43.18 21.61
C LEU A 480 -18.92 -44.62 22.08
N LYS A 481 -19.10 -45.59 21.18
CA LYS A 481 -18.86 -47.01 21.50
C LYS A 481 -17.39 -47.29 21.83
N PRO A 482 -17.13 -47.53 23.12
CA PRO A 482 -15.76 -47.65 23.67
C PRO A 482 -14.87 -48.73 23.03
N GLN A 483 -15.44 -49.52 22.12
CA GLN A 483 -14.75 -50.58 21.37
C GLN A 483 -14.11 -51.65 22.25
N MSE B 1 -14.59 13.80 -17.02
CA MSE B 1 -15.39 12.64 -17.52
C MSE B 1 -16.88 12.84 -17.36
O MSE B 1 -17.34 13.26 -16.29
CB MSE B 1 -14.98 11.37 -16.78
CG MSE B 1 -13.82 10.66 -17.39
SE MSE B 1 -13.56 9.03 -16.40
CE MSE B 1 -11.88 8.44 -17.30
N ASN B 2 -17.63 12.52 -18.42
CA ASN B 2 -19.09 12.53 -18.38
C ASN B 2 -19.66 11.41 -17.48
N THR B 3 -20.95 11.43 -17.20
CA THR B 3 -21.51 10.47 -16.25
C THR B 3 -21.16 9.00 -16.60
N GLN B 4 -21.34 8.61 -17.85
CA GLN B 4 -21.20 7.20 -18.22
C GLN B 4 -19.73 6.75 -18.23
N GLN B 5 -18.85 7.63 -18.71
CA GLN B 5 -17.39 7.44 -18.65
C GLN B 5 -16.94 7.15 -17.22
N LEU B 6 -17.45 7.94 -16.30
CA LEU B 6 -17.14 7.80 -14.88
C LEU B 6 -17.64 6.47 -14.32
N ALA B 7 -18.83 6.05 -14.73
CA ALA B 7 -19.41 4.78 -14.28
C ALA B 7 -18.54 3.59 -14.68
N LYS B 8 -17.98 3.64 -15.91
CA LYS B 8 -17.03 2.65 -16.40
C LYS B 8 -15.79 2.62 -15.52
N LEU B 9 -15.15 3.78 -15.38
CA LEU B 9 -13.96 3.93 -14.55
C LEU B 9 -14.17 3.35 -13.16
N ARG B 10 -15.37 3.54 -12.63
CA ARG B 10 -15.68 3.15 -11.27
C ARG B 10 -15.82 1.64 -11.13
N SER B 11 -15.88 0.94 -12.25
CA SER B 11 -15.85 -0.52 -12.22
C SER B 11 -14.45 -1.03 -11.83
N ILE B 12 -13.41 -0.25 -12.14
CA ILE B 12 -12.02 -0.59 -11.79
C ILE B 12 -11.40 0.29 -10.69
N VAL B 13 -11.69 1.60 -10.71
CA VAL B 13 -11.16 2.54 -9.71
C VAL B 13 -12.34 3.13 -8.93
N PRO B 14 -12.54 2.67 -7.67
CA PRO B 14 -13.69 3.14 -6.90
C PRO B 14 -13.50 4.56 -6.40
N GLU B 15 -14.61 5.21 -6.05
CA GLU B 15 -14.53 6.51 -5.40
C GLU B 15 -14.10 6.31 -3.94
N MSE B 16 -13.58 7.36 -3.35
CA MSE B 16 -13.23 7.34 -1.95
C MSE B 16 -14.50 7.61 -1.14
O MSE B 16 -15.10 8.68 -1.24
CB MSE B 16 -12.14 8.36 -1.65
CG MSE B 16 -10.90 8.15 -2.49
SE MSE B 16 -9.61 9.55 -2.22
CE MSE B 16 -10.33 10.94 -3.43
N ARG B 17 -14.92 6.61 -0.37
CA ARG B 17 -16.19 6.68 0.32
C ARG B 17 -16.32 7.91 1.22
N ARG B 18 -17.41 8.66 1.00
CA ARG B 18 -17.80 9.82 1.81
C ARG B 18 -16.89 11.04 1.66
N VAL B 19 -16.00 11.02 0.67
CA VAL B 19 -15.26 12.24 0.37
C VAL B 19 -15.96 12.98 -0.78
N ARG B 20 -16.63 14.07 -0.42
CA ARG B 20 -17.40 14.87 -1.35
C ARG B 20 -16.56 16.02 -1.88
N HIS B 21 -15.82 16.65 -0.97
CA HIS B 21 -15.19 17.93 -1.18
C HIS B 21 -13.72 17.84 -0.77
N ILE B 22 -12.81 18.13 -1.71
CA ILE B 22 -11.39 18.08 -1.44
C ILE B 22 -10.78 19.48 -1.54
N HIS B 23 -10.15 19.93 -0.46
CA HIS B 23 -9.54 21.26 -0.41
C HIS B 23 -8.02 21.17 -0.44
N PHE B 24 -7.41 21.98 -1.31
CA PHE B 24 -5.95 21.96 -1.51
C PHE B 24 -5.29 23.25 -1.00
N VAL B 25 -4.50 23.13 0.07
CA VAL B 25 -3.74 24.26 0.57
C VAL B 25 -2.45 24.40 -0.23
N GLY B 26 -2.42 25.37 -1.14
CA GLY B 26 -1.28 25.58 -2.03
C GLY B 26 -1.52 25.01 -3.42
N ILE B 27 -2.78 25.11 -3.88
CA ILE B 27 -3.27 24.45 -5.10
C ILE B 27 -2.51 24.82 -6.38
N GLY B 28 -1.74 25.90 -6.30
CA GLY B 28 -1.17 26.56 -7.48
C GLY B 28 0.08 25.92 -8.05
N GLY B 29 0.90 25.33 -7.19
CA GLY B 29 2.20 24.85 -7.63
C GLY B 29 2.32 23.34 -7.62
N ALA B 30 3.43 22.88 -7.04
CA ALA B 30 3.90 21.47 -7.01
C ALA B 30 3.32 20.60 -8.11
N GLY B 31 2.95 19.38 -7.74
CA GLY B 31 2.04 18.55 -8.52
C GLY B 31 0.72 18.58 -7.79
N MSE B 32 0.39 19.73 -7.23
CA MSE B 32 -0.87 19.93 -6.52
C MSE B 32 -2.03 20.16 -7.49
O MSE B 32 -3.06 19.49 -7.39
CB MSE B 32 -0.76 21.06 -5.51
CG MSE B 32 0.07 20.71 -4.28
SE MSE B 32 -0.91 19.81 -2.82
CE MSE B 32 -1.78 18.39 -3.78
N GLY B 33 -1.85 21.09 -8.43
CA GLY B 33 -2.90 21.42 -9.40
C GLY B 33 -3.30 20.21 -10.22
N GLY B 34 -2.28 19.44 -10.61
CA GLY B 34 -2.45 18.20 -11.34
C GLY B 34 -3.36 17.23 -10.66
N ILE B 35 -3.15 17.03 -9.35
CA ILE B 35 -4.00 16.12 -8.58
C ILE B 35 -5.44 16.66 -8.51
N ALA B 36 -5.58 17.97 -8.30
CA ALA B 36 -6.89 18.61 -8.25
C ALA B 36 -7.65 18.43 -9.56
N GLU B 37 -6.95 18.56 -10.67
CA GLU B 37 -7.51 18.41 -11.99
C GLU B 37 -8.01 16.98 -12.23
N VAL B 38 -7.19 15.99 -11.87
CA VAL B 38 -7.56 14.58 -12.00
C VAL B 38 -8.80 14.33 -11.16
N LEU B 39 -8.76 14.75 -9.90
CA LEU B 39 -9.90 14.64 -8.99
C LEU B 39 -11.14 15.45 -9.43
N ALA B 40 -10.91 16.59 -10.08
CA ALA B 40 -12.01 17.37 -10.66
C ALA B 40 -12.70 16.56 -11.77
N ASN B 41 -11.91 16.01 -12.68
CA ASN B 41 -12.49 15.19 -13.73
C ASN B 41 -13.11 13.87 -13.24
N GLU B 42 -12.72 13.40 -12.06
CA GLU B 42 -13.39 12.28 -11.40
C GLU B 42 -14.69 12.71 -10.74
N GLY B 43 -14.94 14.02 -10.75
CA GLY B 43 -16.22 14.53 -10.36
C GLY B 43 -16.40 14.84 -8.90
N TYR B 44 -15.29 14.89 -8.16
CA TYR B 44 -15.29 15.38 -6.79
C TYR B 44 -15.44 16.90 -6.82
N GLN B 45 -15.89 17.47 -5.71
CA GLN B 45 -15.90 18.90 -5.54
C GLN B 45 -14.50 19.37 -5.11
N ILE B 46 -14.01 20.40 -5.77
CA ILE B 46 -12.63 20.82 -5.59
C ILE B 46 -12.56 22.27 -5.15
N SER B 47 -11.77 22.50 -4.11
CA SER B 47 -11.43 23.86 -3.70
C SER B 47 -9.95 23.93 -3.33
N GLY B 48 -9.41 25.14 -3.33
CA GLY B 48 -8.00 25.35 -3.05
C GLY B 48 -7.67 26.78 -2.70
N SER B 49 -6.46 26.98 -2.21
CA SER B 49 -5.98 28.31 -1.90
C SER B 49 -4.56 28.47 -2.41
N ASP B 50 -4.22 29.70 -2.78
CA ASP B 50 -2.83 30.07 -3.14
C ASP B 50 -2.68 31.58 -3.09
N LEU B 51 -1.44 32.07 -3.10
CA LEU B 51 -1.18 33.50 -2.89
C LEU B 51 -1.28 34.34 -4.17
N ALA B 52 -0.90 33.78 -5.31
CA ALA B 52 -1.09 34.46 -6.59
C ALA B 52 -1.72 33.55 -7.64
N PRO B 53 -2.65 34.10 -8.45
CA PRO B 53 -3.20 33.36 -9.60
C PRO B 53 -2.12 32.94 -10.60
N ASN B 54 -2.39 31.87 -11.35
CA ASN B 54 -1.50 31.39 -12.41
C ASN B 54 -2.31 30.55 -13.41
N PRO B 55 -1.65 30.05 -14.48
CA PRO B 55 -2.36 29.20 -15.45
C PRO B 55 -3.01 27.97 -14.82
N VAL B 56 -2.34 27.39 -13.83
CA VAL B 56 -2.86 26.22 -13.11
C VAL B 56 -4.20 26.54 -12.44
N THR B 57 -4.27 27.64 -11.70
CA THR B 57 -5.50 28.04 -11.02
C THR B 57 -6.63 28.43 -11.99
N GLN B 58 -6.26 29.03 -13.12
CA GLN B 58 -7.23 29.31 -14.19
C GLN B 58 -7.92 28.04 -14.71
N GLN B 59 -7.11 27.05 -15.05
CA GLN B 59 -7.58 25.75 -15.53
C GLN B 59 -8.55 25.13 -14.53
N LEU B 60 -8.19 25.20 -13.26
CA LEU B 60 -8.99 24.60 -12.20
C LEU B 60 -10.32 25.30 -12.02
N MSE B 61 -10.31 26.62 -12.10
CA MSE B 61 -11.55 27.40 -12.13
C MSE B 61 -12.47 26.98 -13.26
O MSE B 61 -13.64 26.68 -13.05
CB MSE B 61 -11.25 28.89 -12.18
CG MSE B 61 -11.22 29.51 -10.80
SE MSE B 61 -10.26 31.22 -10.67
CE MSE B 61 -10.84 31.71 -8.81
N ASN B 62 -11.91 26.90 -14.47
CA ASN B 62 -12.64 26.43 -15.66
C ASN B 62 -13.20 25.02 -15.50
N LEU B 63 -12.55 24.24 -14.64
CA LEU B 63 -13.01 22.89 -14.36
C LEU B 63 -14.05 22.84 -13.24
N GLY B 64 -14.36 24.01 -12.66
CA GLY B 64 -15.39 24.11 -11.63
C GLY B 64 -14.92 24.11 -10.18
N ALA B 65 -13.70 24.56 -9.94
CA ALA B 65 -13.13 24.57 -8.59
C ALA B 65 -13.21 25.96 -7.94
N THR B 66 -13.43 25.99 -6.62
CA THR B 66 -13.43 27.23 -5.86
C THR B 66 -12.02 27.54 -5.35
N ILE B 67 -11.43 28.63 -5.84
CA ILE B 67 -10.09 29.01 -5.45
C ILE B 67 -10.00 30.37 -4.72
N TYR B 68 -9.44 30.32 -3.51
CA TYR B 68 -9.25 31.50 -2.67
C TYR B 68 -7.81 31.99 -2.74
N PHE B 69 -7.62 33.30 -2.86
CA PHE B 69 -6.28 33.85 -2.92
C PHE B 69 -5.78 34.45 -1.61
N ASN B 70 -5.69 33.58 -0.61
CA ASN B 70 -5.37 33.93 0.77
C ASN B 70 -5.40 32.65 1.62
N HIS B 71 -4.92 32.74 2.86
CA HIS B 71 -4.97 31.62 3.78
C HIS B 71 -5.71 31.96 5.04
N ARG B 72 -7.01 31.73 5.03
CA ARG B 72 -7.82 31.99 6.21
C ARG B 72 -8.66 30.77 6.61
N PRO B 73 -8.97 30.65 7.91
CA PRO B 73 -9.71 29.51 8.46
C PRO B 73 -10.97 29.15 7.70
N GLU B 74 -11.58 30.14 7.05
CA GLU B 74 -12.82 29.94 6.33
C GLU B 74 -12.66 29.09 5.06
N ASN B 75 -11.48 29.19 4.43
CA ASN B 75 -11.18 28.49 3.18
C ASN B 75 -11.40 26.97 3.21
N VAL B 76 -11.48 26.42 4.43
CA VAL B 76 -11.47 24.98 4.69
C VAL B 76 -12.87 24.41 4.98
N ARG B 77 -13.84 25.31 5.12
CA ARG B 77 -15.20 24.94 5.53
C ARG B 77 -15.85 23.91 4.61
N ASP B 78 -16.52 22.93 5.22
CA ASP B 78 -17.24 21.86 4.51
C ASP B 78 -16.39 20.89 3.70
N ALA B 79 -15.07 20.92 3.91
CA ALA B 79 -14.14 20.02 3.24
C ALA B 79 -14.13 18.64 3.90
N SER B 80 -14.19 17.59 3.08
CA SER B 80 -14.09 16.21 3.56
C SER B 80 -12.66 15.93 3.97
N VAL B 81 -11.71 16.54 3.24
CA VAL B 81 -10.29 16.35 3.48
C VAL B 81 -9.50 17.57 2.97
N VAL B 82 -8.41 17.87 3.66
CA VAL B 82 -7.49 18.95 3.29
C VAL B 82 -6.15 18.36 2.86
N VAL B 83 -5.67 18.76 1.69
CA VAL B 83 -4.39 18.28 1.18
C VAL B 83 -3.43 19.45 1.14
N VAL B 84 -2.22 19.25 1.67
CA VAL B 84 -1.25 20.34 1.77
C VAL B 84 0.05 20.06 1.02
N SER B 85 0.55 21.06 0.30
CA SER B 85 1.85 20.91 -0.34
C SER B 85 2.98 21.13 0.65
N SER B 86 4.18 20.67 0.28
CA SER B 86 5.38 20.83 1.10
C SER B 86 5.79 22.29 1.29
N ALA B 87 5.15 23.18 0.52
CA ALA B 87 5.45 24.60 0.60
C ALA B 87 4.64 25.31 1.68
N ILE B 88 3.83 24.54 2.40
CA ILE B 88 2.93 25.11 3.41
C ILE B 88 3.42 24.82 4.82
N SER B 89 3.55 25.88 5.62
CA SER B 89 3.96 25.77 7.01
C SER B 89 2.85 25.11 7.82
N ALA B 90 3.24 24.37 8.85
CA ALA B 90 2.30 23.60 9.67
C ALA B 90 1.29 24.48 10.41
N ASP B 91 1.64 25.74 10.64
CA ASP B 91 0.76 26.68 11.35
C ASP B 91 -0.05 27.57 10.41
N ASN B 92 0.02 27.29 9.11
CA ASN B 92 -0.89 27.92 8.15
C ASN B 92 -2.31 27.89 8.68
N PRO B 93 -2.98 29.05 8.72
CA PRO B 93 -4.31 29.19 9.29
C PRO B 93 -5.27 28.07 8.86
N GLU B 94 -5.27 27.75 7.57
CA GLU B 94 -6.11 26.69 7.01
C GLU B 94 -5.84 25.30 7.61
N ILE B 95 -4.57 24.97 7.82
CA ILE B 95 -4.23 23.68 8.45
C ILE B 95 -4.73 23.65 9.89
N VAL B 96 -4.43 24.69 10.66
CA VAL B 96 -4.90 24.80 12.05
C VAL B 96 -6.44 24.76 12.11
N ALA B 97 -7.10 25.48 11.21
CA ALA B 97 -8.55 25.44 11.14
C ALA B 97 -9.04 24.01 10.91
N ALA B 98 -8.42 23.32 9.95
CA ALA B 98 -8.78 21.93 9.62
C ALA B 98 -8.67 20.97 10.80
N HIS B 99 -7.54 21.02 11.52
CA HIS B 99 -7.39 20.21 12.73
C HIS B 99 -8.46 20.56 13.77
N GLU B 100 -8.72 21.85 13.91
CA GLU B 100 -9.75 22.38 14.81
C GLU B 100 -11.12 21.80 14.50
N ALA B 101 -11.44 21.66 13.21
CA ALA B 101 -12.74 21.14 12.79
C ALA B 101 -12.80 19.60 12.71
N ARG B 102 -11.70 18.94 13.07
CA ARG B 102 -11.58 17.48 12.96
C ARG B 102 -11.63 16.98 11.50
N ILE B 103 -11.14 17.80 10.57
CA ILE B 103 -11.07 17.44 9.16
C ILE B 103 -9.70 16.81 8.87
N PRO B 104 -9.67 15.59 8.31
CA PRO B 104 -8.39 14.94 8.01
C PRO B 104 -7.50 15.81 7.14
N VAL B 105 -6.25 15.98 7.57
CA VAL B 105 -5.23 16.69 6.84
C VAL B 105 -4.16 15.68 6.38
N ILE B 106 -3.90 15.64 5.08
CA ILE B 106 -2.90 14.74 4.49
C ILE B 106 -1.94 15.49 3.59
N ARG B 107 -0.73 14.96 3.41
CA ARG B 107 0.25 15.53 2.48
C ARG B 107 -0.09 15.21 1.03
N ARG B 108 0.46 15.99 0.11
CA ARG B 108 0.31 15.75 -1.33
C ARG B 108 0.52 14.28 -1.71
N ALA B 109 1.62 13.69 -1.22
CA ALA B 109 1.98 12.31 -1.56
C ALA B 109 0.94 11.28 -1.12
N GLU B 110 0.31 11.51 0.03
CA GLU B 110 -0.75 10.63 0.49
C GLU B 110 -1.92 10.63 -0.47
N MSE B 111 -2.27 11.81 -0.97
CA MSE B 111 -3.34 11.90 -1.98
C MSE B 111 -2.88 11.30 -3.30
O MSE B 111 -3.65 10.61 -3.96
CB MSE B 111 -3.86 13.34 -2.16
CG MSE B 111 -5.10 13.42 -3.05
SE MSE B 111 -6.57 12.25 -2.44
CE MSE B 111 -7.54 13.52 -1.29
N LEU B 112 -1.62 11.53 -3.67
CA LEU B 112 -1.04 10.90 -4.86
C LEU B 112 -1.11 9.39 -4.72
N ALA B 113 -0.85 8.89 -3.52
CA ALA B 113 -0.85 7.46 -3.26
C ALA B 113 -2.26 6.88 -3.39
N GLU B 114 -3.27 7.68 -3.06
CA GLU B 114 -4.67 7.25 -3.23
C GLU B 114 -5.06 7.14 -4.70
N LEU B 115 -4.59 8.09 -5.52
CA LEU B 115 -4.73 7.98 -6.97
C LEU B 115 -4.09 6.69 -7.50
N MSE B 116 -3.02 6.25 -6.85
CA MSE B 116 -2.25 5.10 -7.32
C MSE B 116 -2.79 3.77 -6.78
O MSE B 116 -2.54 2.71 -7.36
CB MSE B 116 -0.78 5.30 -6.96
CG MSE B 116 0.18 4.38 -7.64
SE MSE B 116 2.05 4.79 -7.21
CE MSE B 116 2.31 6.38 -8.38
N ARG B 117 -3.56 3.83 -5.70
CA ARG B 117 -4.04 2.65 -4.98
C ARG B 117 -4.61 1.52 -5.84
N PHE B 118 -5.60 1.84 -6.66
CA PHE B 118 -6.27 0.86 -7.52
C PHE B 118 -5.86 1.03 -8.98
N ARG B 119 -4.71 1.66 -9.19
CA ARG B 119 -4.15 1.78 -10.52
C ARG B 119 -2.82 1.03 -10.59
N HIS B 120 -2.35 0.83 -11.81
CA HIS B 120 -1.01 0.29 -12.07
C HIS B 120 -0.07 1.50 -12.05
N GLY B 121 0.51 1.76 -10.88
CA GLY B 121 1.36 2.93 -10.68
C GLY B 121 2.76 2.76 -11.24
N ILE B 122 3.20 3.76 -11.99
CA ILE B 122 4.58 3.87 -12.43
C ILE B 122 5.14 5.18 -11.87
N ALA B 123 6.06 5.06 -10.90
CA ALA B 123 6.66 6.21 -10.23
C ALA B 123 8.05 6.52 -10.77
N ILE B 124 8.28 7.78 -11.11
CA ILE B 124 9.59 8.22 -11.57
C ILE B 124 10.24 9.07 -10.47
N ALA B 125 11.26 8.47 -9.84
CA ALA B 125 11.97 9.08 -8.70
C ALA B 125 13.41 9.34 -9.08
N GLY B 126 14.13 10.02 -8.19
CA GLY B 126 15.51 10.43 -8.46
C GLY B 126 15.72 11.89 -8.11
N THR B 127 16.98 12.30 -8.06
CA THR B 127 17.30 13.69 -7.75
C THR B 127 16.94 14.63 -8.90
N HIS B 128 17.47 14.37 -10.11
CA HIS B 128 17.19 15.16 -11.29
C HIS B 128 16.47 14.37 -12.38
N GLY B 129 15.88 15.09 -13.34
CA GLY B 129 15.34 14.48 -14.54
C GLY B 129 13.98 13.80 -14.40
N LYS B 130 13.33 14.01 -13.26
CA LYS B 130 12.04 13.36 -13.00
C LYS B 130 10.97 13.85 -13.97
N THR B 131 10.79 15.17 -14.06
CA THR B 131 9.74 15.77 -14.89
C THR B 131 9.81 15.36 -16.36
N THR B 132 11.02 15.32 -16.90
CA THR B 132 11.24 14.95 -18.29
C THR B 132 10.95 13.46 -18.53
N THR B 133 11.44 12.62 -17.63
CA THR B 133 11.29 11.18 -17.77
C THR B 133 9.82 10.78 -17.69
N THR B 134 9.11 11.33 -16.71
CA THR B 134 7.70 10.99 -16.55
C THR B 134 6.84 11.48 -17.74
N ALA B 135 7.23 12.60 -18.34
CA ALA B 135 6.62 13.08 -19.57
C ALA B 135 6.92 12.14 -20.73
N MSE B 136 8.16 11.67 -20.81
CA MSE B 136 8.54 10.69 -21.82
C MSE B 136 7.78 9.37 -21.65
O MSE B 136 7.33 8.80 -22.63
CB MSE B 136 10.05 10.45 -21.81
CG MSE B 136 10.85 11.58 -22.42
SE MSE B 136 12.75 11.22 -22.28
CE MSE B 136 13.47 12.80 -23.17
N VAL B 137 7.62 8.92 -20.41
CA VAL B 137 6.88 7.67 -20.16
C VAL B 137 5.42 7.81 -20.53
N SER B 138 4.81 8.94 -20.17
CA SER B 138 3.40 9.15 -20.49
C SER B 138 3.14 9.37 -22.00
N SER B 139 4.13 9.89 -22.72
CA SER B 139 4.04 10.02 -24.18
C SER B 139 4.00 8.66 -24.86
N ILE B 140 4.84 7.73 -24.40
CA ILE B 140 4.90 6.40 -24.98
C ILE B 140 3.59 5.65 -24.73
N TYR B 141 3.06 5.78 -23.51
CA TYR B 141 1.83 5.14 -23.12
C TYR B 141 0.59 5.73 -23.81
N ALA B 142 0.60 7.05 -24.00
CA ALA B 142 -0.48 7.73 -24.73
C ALA B 142 -0.44 7.29 -26.20
N GLU B 143 0.75 7.37 -26.78
CA GLU B 143 1.02 6.90 -28.15
C GLU B 143 0.51 5.47 -28.38
N ALA B 144 0.79 4.58 -27.42
CA ALA B 144 0.37 3.19 -27.52
C ALA B 144 -1.14 2.98 -27.31
N GLY B 145 -1.87 4.08 -27.11
CA GLY B 145 -3.33 3.99 -26.93
C GLY B 145 -3.76 3.44 -25.59
N LEU B 146 -2.86 3.44 -24.61
CA LEU B 146 -3.16 2.94 -23.26
C LEU B 146 -3.86 3.96 -22.37
N ASP B 147 -4.04 5.17 -22.91
CA ASP B 147 -4.71 6.30 -22.24
C ASP B 147 -4.41 6.40 -20.73
N PRO B 148 -3.13 6.65 -20.37
CA PRO B 148 -2.77 6.67 -18.96
C PRO B 148 -3.24 7.94 -18.25
N THR B 149 -3.55 7.83 -16.96
CA THR B 149 -3.64 9.05 -16.18
C THR B 149 -2.22 9.39 -15.70
N PHE B 150 -1.85 10.66 -15.76
CA PHE B 150 -0.53 11.07 -15.34
C PHE B 150 -0.55 12.35 -14.53
N VAL B 151 0.45 12.49 -13.65
CA VAL B 151 0.60 13.65 -12.80
C VAL B 151 2.08 14.04 -12.82
N ASN B 152 2.39 15.11 -13.56
CA ASN B 152 3.77 15.54 -13.72
C ASN B 152 4.08 16.80 -12.91
N GLY B 153 5.37 17.05 -12.67
CA GLY B 153 5.82 18.24 -11.95
C GLY B 153 5.88 19.48 -12.83
N GLY B 154 5.85 19.27 -14.14
CA GLY B 154 5.85 20.37 -15.10
C GLY B 154 4.74 20.20 -16.13
N LEU B 155 4.44 21.27 -16.86
CA LEU B 155 3.40 21.24 -17.88
C LEU B 155 3.84 20.32 -19.01
N VAL B 156 2.99 19.36 -19.36
CA VAL B 156 3.31 18.47 -20.48
C VAL B 156 2.80 19.13 -21.77
N LYS B 157 3.76 19.61 -22.57
CA LYS B 157 3.48 20.50 -23.70
C LYS B 157 2.46 19.92 -24.68
N ALA B 158 2.60 18.64 -25.01
CA ALA B 158 1.71 17.99 -25.96
C ALA B 158 0.27 17.98 -25.44
N ALA B 159 0.11 17.91 -24.12
CA ALA B 159 -1.20 17.85 -23.49
C ALA B 159 -1.71 19.24 -23.07
N GLY B 160 -0.80 20.17 -22.84
CA GLY B 160 -1.16 21.51 -22.39
C GLY B 160 -1.47 21.58 -20.90
N VAL B 161 -1.22 20.49 -20.19
CA VAL B 161 -1.51 20.37 -18.75
C VAL B 161 -0.38 19.66 -18.00
N HIS B 162 -0.39 19.81 -16.67
CA HIS B 162 0.52 19.09 -15.78
C HIS B 162 0.06 17.64 -15.59
N ALA B 163 -1.25 17.42 -15.69
CA ALA B 163 -1.85 16.14 -15.33
C ALA B 163 -3.16 15.92 -16.06
N ARG B 164 -3.46 14.67 -16.36
CA ARG B 164 -4.70 14.32 -17.04
C ARG B 164 -5.20 12.98 -16.54
N LEU B 165 -6.51 12.91 -16.32
CA LEU B 165 -7.21 11.67 -16.05
C LEU B 165 -7.49 10.90 -17.34
N GLY B 166 -6.99 9.67 -17.40
CA GLY B 166 -7.24 8.77 -18.53
C GLY B 166 -8.21 7.67 -18.14
N HIS B 167 -8.69 6.94 -19.15
CA HIS B 167 -9.63 5.83 -18.93
C HIS B 167 -8.92 4.55 -18.48
N GLY B 168 -7.62 4.46 -18.73
CA GLY B 168 -6.82 3.28 -18.39
C GLY B 168 -6.58 3.07 -16.90
N ARG B 169 -5.87 2.01 -16.56
CA ARG B 169 -5.55 1.75 -15.16
C ARG B 169 -4.14 2.19 -14.78
N TYR B 170 -3.43 2.78 -15.74
CA TYR B 170 -2.08 3.25 -15.54
C TYR B 170 -2.03 4.62 -14.87
N LEU B 171 -1.20 4.74 -13.83
CA LEU B 171 -0.87 6.03 -13.25
C LEU B 171 0.63 6.30 -13.33
N ILE B 172 0.98 7.33 -14.11
CA ILE B 172 2.36 7.72 -14.36
C ILE B 172 2.61 9.03 -13.63
N ALA B 173 3.41 8.99 -12.57
CA ALA B 173 3.59 10.16 -11.73
C ALA B 173 5.03 10.37 -11.26
N GLU B 174 5.41 11.65 -11.22
CA GLU B 174 6.67 12.08 -10.62
C GLU B 174 6.60 11.92 -9.10
N ALA B 175 7.63 11.28 -8.54
CA ALA B 175 7.69 11.00 -7.11
C ALA B 175 8.71 11.92 -6.43
N ASP B 176 8.30 12.55 -5.34
CA ASP B 176 9.13 13.58 -4.69
C ASP B 176 9.88 13.02 -3.48
N GLU B 177 11.21 13.04 -3.54
CA GLU B 177 12.04 12.59 -2.42
C GLU B 177 12.45 13.75 -1.53
N SER B 178 12.37 14.98 -2.06
CA SER B 178 12.84 16.20 -1.39
C SER B 178 12.32 16.36 0.04
N ASP B 179 11.14 15.82 0.33
CA ASP B 179 10.61 15.82 1.68
C ASP B 179 10.36 14.40 2.20
N ALA B 180 10.94 13.42 1.51
CA ALA B 180 10.75 11.98 1.78
C ALA B 180 9.32 11.47 1.59
N SER B 181 8.45 12.29 1.00
CA SER B 181 7.04 11.92 0.94
C SER B 181 6.71 10.79 -0.06
N PHE B 182 7.58 10.57 -1.03
CA PHE B 182 7.39 9.46 -1.97
C PHE B 182 7.33 8.06 -1.31
N LEU B 183 7.64 7.97 -0.01
CA LEU B 183 7.46 6.71 0.73
C LEU B 183 5.98 6.27 0.85
N HIS B 184 5.04 7.19 0.64
CA HIS B 184 3.60 6.87 0.63
C HIS B 184 3.19 6.06 -0.59
N LEU B 185 3.92 6.24 -1.69
CA LEU B 185 3.55 5.63 -2.95
C LEU B 185 3.73 4.11 -2.94
N GLN B 186 2.77 3.40 -3.53
CA GLN B 186 2.85 1.94 -3.71
C GLN B 186 2.79 1.59 -5.20
N PRO B 187 3.88 1.83 -5.94
CA PRO B 187 3.85 1.62 -7.40
C PRO B 187 4.04 0.17 -7.84
N MSE B 188 3.85 -0.08 -9.13
CA MSE B 188 4.14 -1.37 -9.73
C MSE B 188 5.54 -1.31 -10.31
O MSE B 188 6.28 -2.29 -10.25
CB MSE B 188 3.15 -1.66 -10.87
CG MSE B 188 1.70 -1.84 -10.43
SE MSE B 188 1.49 -3.39 -9.26
CE MSE B 188 1.53 -2.52 -7.58
N VAL B 189 5.89 -0.15 -10.88
CA VAL B 189 7.18 0.08 -11.48
C VAL B 189 7.74 1.38 -10.92
N ALA B 190 9.06 1.40 -10.70
CA ALA B 190 9.73 2.60 -10.18
C ALA B 190 11.01 2.88 -10.95
N ILE B 191 11.10 4.09 -11.48
CA ILE B 191 12.33 4.57 -12.09
C ILE B 191 13.10 5.35 -11.03
N VAL B 192 14.41 5.09 -10.94
CA VAL B 192 15.32 5.98 -10.20
C VAL B 192 16.39 6.46 -11.17
N THR B 193 16.28 7.73 -11.55
CA THR B 193 17.19 8.37 -12.50
C THR B 193 18.59 8.53 -11.94
N ASN B 194 18.68 9.00 -10.70
CA ASN B 194 19.96 9.27 -10.06
C ASN B 194 19.81 9.61 -8.59
N ILE B 195 20.87 9.41 -7.82
CA ILE B 195 20.87 9.81 -6.41
C ILE B 195 22.05 10.72 -6.10
N GLU B 196 21.75 11.98 -5.83
CA GLU B 196 22.76 13.02 -5.57
C GLU B 196 22.36 13.89 -4.39
N ALA B 197 23.34 14.53 -3.78
CA ALA B 197 23.08 15.34 -2.60
C ALA B 197 22.34 16.63 -2.98
N ASP B 198 21.05 16.67 -2.64
CA ASP B 198 20.24 17.87 -2.69
C ASP B 198 19.15 17.72 -1.63
N HIS B 199 18.52 18.84 -1.25
CA HIS B 199 17.50 18.84 -0.18
C HIS B 199 18.02 18.09 1.06
N MSE B 200 19.31 18.28 1.37
CA MSE B 200 19.98 17.49 2.41
C MSE B 200 19.51 17.80 3.83
O MSE B 200 19.74 17.01 4.75
CB MSE B 200 21.49 17.65 2.30
CG MSE B 200 22.10 16.86 1.14
SE MSE B 200 21.47 14.99 1.06
CE MSE B 200 21.96 14.42 2.84
N ASP B 201 18.84 18.93 3.99
CA ASP B 201 18.23 19.33 5.25
C ASP B 201 17.29 18.24 5.81
N THR B 202 16.40 17.73 4.96
CA THR B 202 15.41 16.72 5.36
C THR B 202 16.03 15.33 5.62
N TYR B 203 17.28 15.15 5.20
CA TYR B 203 18.01 13.91 5.47
C TYR B 203 19.11 14.13 6.51
N GLN B 204 18.86 15.10 7.40
CA GLN B 204 19.74 15.45 8.53
C GLN B 204 21.20 15.63 8.10
N GLY B 205 21.40 16.12 6.88
CA GLY B 205 22.74 16.33 6.30
C GLY B 205 23.49 15.04 5.99
N ASP B 206 22.87 13.91 6.29
CA ASP B 206 23.49 12.59 6.14
C ASP B 206 23.06 11.94 4.82
N PHE B 207 24.04 11.78 3.93
CA PHE B 207 23.83 11.21 2.60
C PHE B 207 23.46 9.73 2.65
N GLU B 208 23.74 9.09 3.77
CA GLU B 208 23.41 7.68 3.95
C GLU B 208 21.91 7.51 4.17
N ASN B 209 21.32 8.46 4.88
CA ASN B 209 19.87 8.50 5.11
C ASN B 209 19.08 8.68 3.80
N LEU B 210 19.67 9.39 2.84
CA LEU B 210 19.08 9.57 1.52
C LEU B 210 19.08 8.26 0.74
N LYS B 211 20.22 7.58 0.74
CA LYS B 211 20.36 6.30 0.05
C LYS B 211 19.38 5.28 0.62
N GLN B 212 19.29 5.22 1.95
CA GLN B 212 18.43 4.28 2.63
C GLN B 212 16.96 4.57 2.35
N THR B 213 16.66 5.86 2.17
CA THR B 213 15.31 6.29 1.85
C THR B 213 14.89 5.83 0.45
N PHE B 214 15.82 5.91 -0.50
CA PHE B 214 15.58 5.34 -1.82
C PHE B 214 15.39 3.83 -1.77
N ILE B 215 16.15 3.17 -0.90
CA ILE B 215 16.05 1.73 -0.75
C ILE B 215 14.66 1.38 -0.20
N ASN B 216 14.25 2.11 0.83
CA ASN B 216 12.93 1.93 1.43
C ASN B 216 11.79 2.19 0.45
N PHE B 217 11.96 3.20 -0.40
CA PHE B 217 11.00 3.51 -1.45
C PHE B 217 10.86 2.33 -2.40
N LEU B 218 11.98 1.90 -2.96
CA LEU B 218 12.04 0.72 -3.83
C LEU B 218 11.41 -0.52 -3.19
N HIS B 219 11.54 -0.66 -1.87
CA HIS B 219 10.94 -1.79 -1.15
C HIS B 219 9.41 -1.70 -1.05
N ASN B 220 8.84 -0.56 -1.41
CA ASN B 220 7.39 -0.44 -1.58
C ASN B 220 6.89 -1.26 -2.77
N LEU B 221 7.78 -1.57 -3.70
CA LEU B 221 7.44 -2.46 -4.82
C LEU B 221 7.04 -3.84 -4.30
N PRO B 222 6.01 -4.46 -4.91
CA PRO B 222 5.71 -5.85 -4.56
C PRO B 222 6.77 -6.77 -5.16
N PHE B 223 6.82 -8.03 -4.71
CA PHE B 223 7.83 -8.99 -5.17
C PHE B 223 7.94 -9.11 -6.71
N TYR B 224 6.86 -8.85 -7.43
CA TYR B 224 6.84 -8.99 -8.89
C TYR B 224 6.92 -7.63 -9.60
N GLY B 225 7.15 -6.57 -8.83
CA GLY B 225 7.32 -5.23 -9.39
C GLY B 225 8.71 -5.08 -9.99
N ARG B 226 8.95 -3.94 -10.65
CA ARG B 226 10.25 -3.71 -11.24
C ARG B 226 10.88 -2.35 -10.91
N ALA B 227 12.19 -2.37 -10.64
CA ALA B 227 12.98 -1.17 -10.45
C ALA B 227 13.77 -0.91 -11.73
N VAL B 228 13.61 0.28 -12.29
CA VAL B 228 14.38 0.67 -13.47
C VAL B 228 15.31 1.78 -13.03
N MSE B 229 16.60 1.49 -13.09
CA MSE B 229 17.58 2.35 -12.44
C MSE B 229 18.79 2.62 -13.32
O MSE B 229 19.27 1.72 -14.02
CB MSE B 229 18.04 1.72 -11.14
CG MSE B 229 16.90 1.39 -10.19
SE MSE B 229 17.58 0.56 -8.58
CE MSE B 229 18.35 2.20 -7.70
N CYS B 230 19.27 3.86 -13.29
CA CYS B 230 20.43 4.29 -14.08
C CYS B 230 21.75 3.85 -13.48
N VAL B 231 22.41 2.89 -14.12
CA VAL B 231 23.63 2.29 -13.57
C VAL B 231 24.88 3.16 -13.74
N ASP B 232 24.86 4.08 -14.71
CA ASP B 232 25.95 5.05 -14.89
C ASP B 232 26.20 5.84 -13.61
N ASP B 233 25.20 5.87 -12.74
CA ASP B 233 25.27 6.57 -11.48
C ASP B 233 25.95 5.68 -10.44
N PRO B 234 27.16 6.06 -9.99
CA PRO B 234 27.96 5.24 -9.08
C PRO B 234 27.21 4.90 -7.81
N VAL B 235 26.44 5.85 -7.30
CA VAL B 235 25.64 5.64 -6.08
C VAL B 235 24.56 4.59 -6.33
N ILE B 236 23.97 4.62 -7.51
CA ILE B 236 23.00 3.59 -7.89
C ILE B 236 23.70 2.24 -8.07
N ARG B 237 24.84 2.23 -8.79
CA ARG B 237 25.62 1.00 -8.99
C ARG B 237 26.01 0.34 -7.67
N GLU B 238 26.31 1.18 -6.68
CA GLU B 238 26.66 0.70 -5.35
C GLU B 238 25.44 0.07 -4.64
N LEU B 239 24.26 0.65 -4.83
CA LEU B 239 23.05 0.23 -4.09
C LEU B 239 22.37 -1.06 -4.59
N LEU B 240 22.58 -1.41 -5.86
CA LEU B 240 21.97 -2.60 -6.49
C LEU B 240 21.75 -3.85 -5.60
N PRO B 241 22.79 -4.36 -4.91
CA PRO B 241 22.55 -5.55 -4.07
C PRO B 241 21.58 -5.33 -2.92
N ARG B 242 21.41 -4.08 -2.47
CA ARG B 242 20.47 -3.78 -1.38
C ARG B 242 19.00 -3.65 -1.84
N VAL B 243 18.76 -3.61 -3.15
CA VAL B 243 17.40 -3.39 -3.67
C VAL B 243 16.40 -4.51 -3.34
N GLY B 244 16.71 -5.74 -3.72
CA GLY B 244 15.86 -6.90 -3.38
C GLY B 244 14.57 -7.02 -4.18
N ARG B 245 14.56 -6.51 -5.40
CA ARG B 245 13.42 -6.59 -6.28
C ARG B 245 14.00 -6.77 -7.67
N GLN B 246 13.19 -7.25 -8.62
CA GLN B 246 13.64 -7.32 -9.98
C GLN B 246 14.02 -5.90 -10.42
N THR B 247 15.24 -5.75 -10.92
CA THR B 247 15.68 -4.46 -11.43
C THR B 247 16.28 -4.63 -12.81
N THR B 248 15.94 -3.74 -13.73
CA THR B 248 16.70 -3.65 -14.97
C THR B 248 17.43 -2.31 -15.03
N THR B 249 18.71 -2.39 -15.38
CA THR B 249 19.58 -1.22 -15.39
C THR B 249 19.61 -0.58 -16.77
N TYR B 250 19.97 0.70 -16.80
CA TYR B 250 20.18 1.40 -18.07
C TYR B 250 21.35 2.37 -17.96
N GLY B 251 21.89 2.73 -19.13
CA GLY B 251 23.00 3.68 -19.18
C GLY B 251 24.00 3.42 -20.29
N PHE B 252 25.05 4.23 -20.31
CA PHE B 252 26.14 4.07 -21.27
C PHE B 252 27.10 2.97 -20.86
N SER B 253 27.00 2.55 -19.60
CA SER B 253 27.81 1.45 -19.10
C SER B 253 27.65 0.19 -19.94
N GLU B 254 28.68 -0.64 -19.93
CA GLU B 254 28.74 -1.87 -20.71
C GLU B 254 27.82 -2.95 -20.14
N ASP B 255 27.74 -3.02 -18.82
CA ASP B 255 26.97 -4.03 -18.10
C ASP B 255 25.49 -3.66 -17.90
N ALA B 256 25.00 -2.69 -18.66
CA ALA B 256 23.62 -2.20 -18.52
C ALA B 256 22.66 -3.07 -19.32
N ASP B 257 21.46 -3.30 -18.77
CA ASP B 257 20.46 -4.13 -19.44
C ASP B 257 19.86 -3.43 -20.65
N VAL B 258 19.61 -2.13 -20.50
CA VAL B 258 19.26 -1.29 -21.63
C VAL B 258 20.44 -0.36 -21.80
N ARG B 259 21.25 -0.63 -22.81
CA ARG B 259 22.47 0.15 -23.03
C ARG B 259 22.29 1.17 -24.14
N VAL B 260 22.77 2.38 -23.86
CA VAL B 260 22.78 3.47 -24.83
C VAL B 260 24.11 3.47 -25.55
N GLU B 261 24.07 3.66 -26.87
CA GLU B 261 25.28 3.69 -27.70
C GLU B 261 25.17 4.71 -28.80
N ASP B 262 26.33 5.13 -29.33
CA ASP B 262 26.43 5.94 -30.55
C ASP B 262 25.74 7.30 -30.44
N TYR B 263 25.84 7.93 -29.27
CA TYR B 263 25.18 9.20 -29.07
C TYR B 263 25.81 10.35 -29.87
N GLN B 264 25.00 10.94 -30.74
CA GLN B 264 25.35 12.22 -31.37
C GLN B 264 24.19 13.20 -31.17
N GLN B 265 24.50 14.42 -30.78
CA GLN B 265 23.49 15.47 -30.74
C GLN B 265 23.59 16.33 -31.99
N ILE B 266 22.48 16.45 -32.71
CA ILE B 266 22.39 17.36 -33.85
C ILE B 266 21.33 18.40 -33.55
N GLY B 267 21.78 19.64 -33.31
CA GLY B 267 20.90 20.74 -32.94
C GLY B 267 20.09 20.37 -31.71
N PRO B 268 18.75 20.51 -31.80
CA PRO B 268 17.92 20.23 -30.65
C PRO B 268 17.63 18.72 -30.48
N GLN B 269 18.13 17.90 -31.40
CA GLN B 269 17.80 16.47 -31.39
C GLN B 269 18.95 15.54 -31.01
N GLY B 270 18.59 14.45 -30.35
CA GLY B 270 19.54 13.41 -29.98
C GLY B 270 19.39 12.20 -30.88
N HIS B 271 20.52 11.59 -31.22
CA HIS B 271 20.54 10.39 -32.04
C HIS B 271 21.40 9.36 -31.34
N PHE B 272 20.88 8.15 -31.22
CA PHE B 272 21.56 7.08 -30.52
C PHE B 272 20.89 5.73 -30.72
N THR B 273 21.54 4.70 -30.18
CA THR B 273 21.12 3.31 -30.34
C THR B 273 20.84 2.73 -28.97
N LEU B 274 19.73 2.01 -28.86
CA LEU B 274 19.36 1.31 -27.63
C LEU B 274 19.46 -0.19 -27.81
N LEU B 275 20.25 -0.83 -26.95
CA LEU B 275 20.39 -2.27 -26.95
C LEU B 275 19.56 -2.90 -25.84
N ARG B 276 18.65 -3.79 -26.23
CA ARG B 276 17.83 -4.52 -25.25
C ARG B 276 17.91 -6.02 -25.50
N GLN B 277 17.72 -6.79 -24.42
CA GLN B 277 17.74 -8.25 -24.49
C GLN B 277 16.70 -8.83 -25.45
N ASP B 278 17.12 -9.84 -26.20
CA ASP B 278 16.26 -10.55 -27.15
C ASP B 278 15.58 -9.57 -28.09
N LYS B 279 16.31 -8.51 -28.41
CA LYS B 279 15.83 -7.43 -29.25
C LYS B 279 16.95 -6.96 -30.16
N GLU B 280 16.59 -6.64 -31.40
CA GLU B 280 17.49 -5.98 -32.33
C GLU B 280 17.80 -4.60 -31.77
N PRO B 281 19.05 -4.13 -31.94
CA PRO B 281 19.38 -2.72 -31.66
C PRO B 281 18.29 -1.76 -32.15
N MSE B 282 17.92 -0.80 -31.32
CA MSE B 282 16.91 0.21 -31.66
C MSE B 282 17.57 1.54 -31.97
O MSE B 282 18.35 2.08 -31.17
CB MSE B 282 15.90 0.33 -30.52
CG MSE B 282 14.81 1.40 -30.72
SE MSE B 282 13.67 1.66 -29.13
CE MSE B 282 12.16 0.55 -29.62
N ARG B 283 17.28 2.09 -33.15
CA ARG B 283 17.85 3.35 -33.60
C ARG B 283 16.89 4.48 -33.28
N VAL B 284 17.22 5.27 -32.27
CA VAL B 284 16.31 6.29 -31.76
C VAL B 284 16.65 7.69 -32.25
N THR B 285 15.64 8.38 -32.76
CA THR B 285 15.69 9.82 -32.92
C THR B 285 14.87 10.42 -31.77
N LEU B 286 15.55 11.16 -30.89
CA LEU B 286 14.91 11.78 -29.73
C LEU B 286 14.79 13.28 -29.95
N ASN B 287 13.56 13.79 -29.79
CA ASN B 287 13.32 15.22 -29.91
C ASN B 287 13.68 15.97 -28.63
N ALA B 288 14.93 15.81 -28.18
CA ALA B 288 15.45 16.46 -26.98
C ALA B 288 16.97 16.44 -27.00
N PRO B 289 17.61 17.54 -26.57
CA PRO B 289 19.07 17.64 -26.60
C PRO B 289 19.71 16.95 -25.41
N GLY B 290 20.98 16.58 -25.54
CA GLY B 290 21.81 16.15 -24.42
C GLY B 290 21.88 14.66 -24.13
N ARG B 291 23.03 14.23 -23.63
CA ARG B 291 23.22 12.86 -23.15
C ARG B 291 22.27 12.55 -21.99
N HIS B 292 22.01 13.55 -21.15
CA HIS B 292 21.14 13.32 -19.99
C HIS B 292 19.73 12.91 -20.41
N ASN B 293 19.27 13.43 -21.53
CA ASN B 293 17.95 13.08 -22.08
C ASN B 293 17.90 11.74 -22.82
N ALA B 294 19.05 11.28 -23.28
CA ALA B 294 19.16 9.96 -23.88
C ALA B 294 18.98 8.92 -22.78
N LEU B 295 19.48 9.26 -21.59
CA LEU B 295 19.33 8.41 -20.42
C LEU B 295 17.88 8.37 -19.93
N ASN B 296 17.25 9.55 -19.87
CA ASN B 296 15.83 9.65 -19.50
C ASN B 296 14.99 8.84 -20.47
N ALA B 297 15.31 8.93 -21.76
CA ALA B 297 14.63 8.17 -22.80
C ALA B 297 14.79 6.66 -22.58
N ALA B 298 16.03 6.23 -22.32
CA ALA B 298 16.33 4.84 -22.02
C ALA B 298 15.49 4.32 -20.85
N ALA B 299 15.35 5.13 -19.79
CA ALA B 299 14.50 4.78 -18.66
C ALA B 299 13.07 4.49 -19.11
N ALA B 300 12.51 5.43 -19.88
CA ALA B 300 11.18 5.31 -20.44
C ALA B 300 11.03 4.07 -21.32
N VAL B 301 12.06 3.79 -22.13
CA VAL B 301 12.03 2.66 -23.04
C VAL B 301 12.05 1.34 -22.26
N ALA B 302 12.92 1.24 -21.27
CA ALA B 302 12.98 0.08 -20.40
C ALA B 302 11.61 -0.29 -19.81
N VAL B 303 10.89 0.71 -19.33
CA VAL B 303 9.55 0.54 -18.75
C VAL B 303 8.58 0.06 -19.83
N ALA B 304 8.58 0.78 -20.94
CA ALA B 304 7.67 0.50 -22.04
C ALA B 304 7.82 -0.93 -22.57
N THR B 305 9.07 -1.40 -22.73
CA THR B 305 9.28 -2.73 -23.30
C THR B 305 8.94 -3.83 -22.28
N GLU B 306 9.16 -3.53 -21.01
CA GLU B 306 8.71 -4.41 -19.93
C GLU B 306 7.18 -4.55 -19.97
N GLU B 307 6.50 -3.43 -20.24
CA GLU B 307 5.06 -3.39 -20.45
C GLU B 307 4.67 -4.15 -21.73
N GLY B 308 5.61 -4.30 -22.65
CA GLY B 308 5.36 -4.96 -23.92
C GLY B 308 4.71 -4.01 -24.92
N ILE B 309 5.01 -2.73 -24.80
CA ILE B 309 4.55 -1.73 -25.74
C ILE B 309 5.23 -1.96 -27.08
N ASP B 310 4.46 -1.81 -28.16
CA ASP B 310 4.97 -1.97 -29.50
C ASP B 310 6.08 -0.94 -29.81
N ASP B 311 7.20 -1.45 -30.33
CA ASP B 311 8.40 -0.64 -30.62
C ASP B 311 8.15 0.56 -31.53
N GLU B 312 7.23 0.42 -32.48
CA GLU B 312 6.90 1.51 -33.38
C GLU B 312 6.31 2.70 -32.63
N ALA B 313 5.42 2.41 -31.69
CA ALA B 313 4.83 3.43 -30.80
C ALA B 313 5.90 4.10 -29.95
N ILE B 314 6.82 3.31 -29.40
CA ILE B 314 7.95 3.85 -28.65
C ILE B 314 8.71 4.90 -29.47
N LEU B 315 9.06 4.55 -30.71
CA LEU B 315 9.84 5.44 -31.58
C LEU B 315 9.07 6.68 -32.05
N ARG B 316 7.79 6.51 -32.36
CA ARG B 316 6.93 7.63 -32.72
C ARG B 316 6.92 8.69 -31.62
N ALA B 317 6.69 8.26 -30.38
CA ALA B 317 6.58 9.16 -29.24
C ALA B 317 7.89 9.89 -28.94
N LEU B 318 9.01 9.17 -29.02
CA LEU B 318 10.31 9.76 -28.76
C LEU B 318 10.69 10.82 -29.79
N GLU B 319 10.36 10.56 -31.05
CA GLU B 319 10.65 11.46 -32.16
C GLU B 319 9.81 12.75 -32.15
N SER B 320 8.54 12.63 -31.77
CA SER B 320 7.67 13.81 -31.73
C SER B 320 7.49 14.39 -30.33
N PHE B 321 8.37 14.02 -29.40
CA PHE B 321 8.29 14.48 -28.01
C PHE B 321 8.38 15.99 -27.94
N GLN B 322 7.43 16.60 -27.22
CA GLN B 322 7.25 18.06 -27.23
C GLN B 322 7.82 18.73 -25.98
N GLY B 323 8.39 17.93 -25.09
CA GLY B 323 9.02 18.43 -23.87
C GLY B 323 8.05 18.89 -22.79
N THR B 324 8.61 19.56 -21.78
CA THR B 324 7.83 20.13 -20.68
C THR B 324 8.24 21.57 -20.43
N GLY B 325 7.30 22.38 -19.96
CA GLY B 325 7.54 23.78 -19.61
C GLY B 325 8.76 23.96 -18.74
N ARG B 326 9.61 24.91 -19.14
CA ARG B 326 10.84 25.28 -18.42
C ARG B 326 11.88 24.17 -18.39
N ARG B 327 11.82 23.25 -19.34
CA ARG B 327 12.87 22.24 -19.47
C ARG B 327 13.52 22.36 -20.84
N PHE B 328 14.71 22.95 -20.87
CA PHE B 328 15.36 23.44 -22.10
C PHE B 328 14.31 23.97 -23.09
N ASP B 329 13.57 24.97 -22.62
CA ASP B 329 12.34 25.41 -23.27
C ASP B 329 12.63 26.55 -24.24
N PHE B 330 12.57 26.24 -25.52
CA PHE B 330 12.77 27.25 -26.56
C PHE B 330 11.62 28.25 -26.58
N LEU B 331 11.96 29.51 -26.37
CA LEU B 331 10.97 30.59 -26.34
C LEU B 331 11.01 31.45 -27.60
N GLY B 332 12.06 31.31 -28.40
CA GLY B 332 12.18 32.04 -29.66
C GLY B 332 13.57 32.53 -30.03
N GLU B 333 13.68 33.02 -31.25
CA GLU B 333 14.91 33.62 -31.76
C GLU B 333 14.59 35.02 -32.26
N PHE B 334 15.20 36.03 -31.63
CA PHE B 334 14.83 37.42 -31.88
C PHE B 334 15.92 38.22 -32.57
N PRO B 335 15.53 39.10 -33.52
CA PRO B 335 16.49 39.95 -34.23
C PRO B 335 17.01 41.07 -33.32
N LEU B 336 18.29 41.38 -33.45
CA LEU B 336 18.97 42.33 -32.55
C LEU B 336 18.83 43.81 -32.94
N GLU B 337 18.37 44.05 -34.16
CA GLU B 337 18.18 45.40 -34.69
C GLU B 337 17.46 46.35 -33.71
N PRO B 338 16.29 45.94 -33.16
CA PRO B 338 15.57 46.84 -32.26
C PRO B 338 15.89 46.69 -30.77
N VAL B 339 16.94 45.93 -30.43
CA VAL B 339 17.31 45.76 -29.02
C VAL B 339 18.62 46.45 -28.64
N ASN B 340 19.64 46.31 -29.49
CA ASN B 340 20.89 47.04 -29.32
C ASN B 340 21.52 47.50 -30.64
N GLY B 341 20.68 47.74 -31.65
CA GLY B 341 21.17 48.21 -32.94
C GLY B 341 21.72 47.09 -33.82
N LYS B 342 22.68 46.34 -33.27
CA LYS B 342 23.42 45.28 -33.99
C LYS B 342 22.56 44.40 -34.90
N SER B 343 23.21 43.73 -35.86
CA SER B 343 22.54 42.75 -36.72
C SER B 343 22.68 41.34 -36.14
N GLY B 344 21.86 40.41 -36.64
CA GLY B 344 21.87 39.03 -36.13
C GLY B 344 20.80 38.76 -35.08
N THR B 345 20.90 37.59 -34.43
CA THR B 345 19.85 37.14 -33.51
C THR B 345 20.35 36.62 -32.17
N ALA B 346 19.43 36.56 -31.20
CA ALA B 346 19.67 35.89 -29.93
C ALA B 346 18.55 34.88 -29.66
N MSE B 347 18.93 33.62 -29.49
CA MSE B 347 18.00 32.57 -29.10
C MSE B 347 17.72 32.65 -27.61
O MSE B 347 18.62 32.94 -26.83
CB MSE B 347 18.58 31.19 -29.43
CG MSE B 347 18.57 30.82 -30.89
SE MSE B 347 19.44 29.09 -31.10
CE MSE B 347 18.58 28.52 -32.81
N LEU B 348 16.48 32.37 -27.22
CA LEU B 348 16.09 32.38 -25.82
C LEU B 348 15.60 31.01 -25.36
N VAL B 349 16.32 30.44 -24.41
CA VAL B 349 16.00 29.12 -23.85
C VAL B 349 15.78 29.21 -22.33
N ASP B 350 14.64 28.70 -21.89
CA ASP B 350 14.23 28.73 -20.50
C ASP B 350 14.53 27.37 -19.87
N ASP B 351 15.11 27.37 -18.67
CA ASP B 351 15.38 26.10 -17.96
C ASP B 351 15.32 26.19 -16.45
N TYR B 352 14.64 25.19 -15.87
CA TYR B 352 14.32 25.10 -14.44
C TYR B 352 15.52 24.72 -13.59
N GLY B 353 16.52 24.10 -14.22
CA GLY B 353 17.71 23.60 -13.52
C GLY B 353 18.20 24.52 -12.44
N HIS B 354 18.39 23.97 -11.24
CA HIS B 354 18.75 24.75 -10.05
C HIS B 354 19.94 24.13 -9.31
N HIS B 355 20.26 22.89 -9.67
CA HIS B 355 21.33 22.12 -9.09
C HIS B 355 22.51 22.14 -10.06
N PRO B 356 23.75 22.25 -9.57
CA PRO B 356 24.90 22.30 -10.48
C PRO B 356 24.86 21.27 -11.63
N THR B 357 24.49 20.03 -11.33
CA THR B 357 24.41 18.95 -12.32
C THR B 357 23.46 19.29 -13.47
N GLU B 358 22.28 19.77 -13.09
CA GLU B 358 21.26 20.24 -14.02
C GLU B 358 21.75 21.41 -14.88
N VAL B 359 22.33 22.42 -14.22
CA VAL B 359 22.88 23.59 -14.91
C VAL B 359 23.99 23.17 -15.87
N ASP B 360 24.83 22.24 -15.44
CA ASP B 360 25.87 21.70 -16.29
C ASP B 360 25.31 20.99 -17.52
N ALA B 361 24.22 20.25 -17.33
CA ALA B 361 23.58 19.52 -18.42
C ALA B 361 23.01 20.45 -19.48
N THR B 362 22.42 21.57 -19.03
CA THR B 362 21.88 22.58 -19.94
C THR B 362 23.00 23.22 -20.76
N ILE B 363 24.11 23.52 -20.09
CA ILE B 363 25.28 24.10 -20.76
C ILE B 363 25.83 23.12 -21.82
N LYS B 364 26.09 21.88 -21.41
CA LYS B 364 26.57 20.85 -22.34
C LYS B 364 25.65 20.69 -23.55
N ALA B 365 24.34 20.81 -23.33
CA ALA B 365 23.35 20.69 -24.39
C ALA B 365 23.39 21.89 -25.35
N ALA B 366 23.54 23.09 -24.78
CA ALA B 366 23.68 24.30 -25.58
C ALA B 366 24.94 24.23 -26.44
N ARG B 367 26.07 23.90 -25.80
CA ARG B 367 27.35 23.69 -26.47
C ARG B 367 27.28 22.72 -27.66
N ALA B 368 26.77 21.51 -27.42
CA ALA B 368 26.79 20.46 -28.45
C ALA B 368 25.85 20.71 -29.63
N GLY B 369 24.71 21.32 -29.35
CA GLY B 369 23.71 21.57 -30.39
C GLY B 369 23.88 22.87 -31.15
N TRP B 370 24.65 23.80 -30.58
CA TRP B 370 24.93 25.10 -31.20
C TRP B 370 26.32 25.56 -30.78
N PRO B 371 27.37 24.91 -31.35
CA PRO B 371 28.74 25.12 -30.87
C PRO B 371 29.29 26.53 -31.05
N ASP B 372 28.87 27.22 -32.12
CA ASP B 372 29.48 28.49 -32.50
C ASP B 372 28.76 29.73 -31.95
N LYS B 373 27.65 29.51 -31.25
CA LYS B 373 26.93 30.62 -30.67
C LYS B 373 27.62 31.16 -29.42
N ASN B 374 27.37 32.41 -29.11
CA ASN B 374 27.86 33.04 -27.89
C ASN B 374 26.89 32.69 -26.75
N LEU B 375 27.36 31.90 -25.80
CA LEU B 375 26.49 31.39 -24.73
C LEU B 375 26.37 32.37 -23.58
N VAL B 376 25.18 32.94 -23.43
CA VAL B 376 24.90 33.88 -22.34
C VAL B 376 23.96 33.24 -21.34
N MSE B 377 24.22 33.42 -20.05
CA MSE B 377 23.32 32.90 -19.03
C MSE B 377 22.87 33.95 -18.02
O MSE B 377 23.67 34.72 -17.50
CB MSE B 377 23.93 31.69 -18.30
CG MSE B 377 23.03 31.12 -17.19
SE MSE B 377 23.75 29.54 -16.30
CE MSE B 377 23.38 28.23 -17.68
N LEU B 378 21.57 33.95 -17.75
CA LEU B 378 20.98 34.67 -16.64
C LEU B 378 20.66 33.62 -15.59
N PHE B 379 21.35 33.65 -14.45
CA PHE B 379 21.15 32.63 -13.43
C PHE B 379 20.68 33.21 -12.10
N GLN B 380 19.80 32.46 -11.44
CA GLN B 380 19.31 32.81 -10.12
C GLN B 380 19.40 31.58 -9.23
N PRO B 381 20.25 31.63 -8.20
CA PRO B 381 20.34 30.53 -7.25
C PRO B 381 19.06 30.36 -6.43
N HIS B 382 18.70 29.12 -6.16
CA HIS B 382 17.54 28.79 -5.34
C HIS B 382 17.98 28.41 -3.93
N ARG B 383 17.56 29.21 -2.96
CA ARG B 383 17.91 29.05 -1.53
C ARG B 383 19.36 29.39 -1.21
N PHE B 384 19.62 29.75 0.05
CA PHE B 384 20.97 29.99 0.54
C PHE B 384 21.64 28.68 0.97
N THR B 385 20.86 27.78 1.57
CA THR B 385 21.38 26.51 2.07
C THR B 385 22.05 25.73 0.93
N ARG B 386 21.33 25.58 -0.18
CA ARG B 386 21.84 24.92 -1.37
C ARG B 386 23.12 25.62 -1.86
N THR B 387 23.07 26.94 -1.92
CA THR B 387 24.20 27.74 -2.37
C THR B 387 25.44 27.52 -1.49
N ARG B 388 25.22 27.41 -0.18
CA ARG B 388 26.28 27.15 0.80
C ARG B 388 26.90 25.76 0.63
N ASP B 389 26.04 24.76 0.45
CA ASP B 389 26.48 23.36 0.38
C ASP B 389 27.18 23.03 -0.93
N LEU B 390 26.76 23.68 -2.02
CA LEU B 390 27.22 23.33 -3.35
C LEU B 390 28.05 24.44 -4.00
N TYR B 391 28.46 25.40 -3.17
CA TYR B 391 29.16 26.61 -3.59
C TYR B 391 30.23 26.38 -4.66
N ASP B 392 31.22 25.55 -4.34
CA ASP B 392 32.31 25.27 -5.26
C ASP B 392 31.82 24.70 -6.58
N ASP B 393 30.80 23.84 -6.51
CA ASP B 393 30.21 23.23 -7.71
C ASP B 393 29.50 24.24 -8.60
N PHE B 394 28.77 25.18 -7.98
CA PHE B 394 28.18 26.28 -8.72
C PHE B 394 29.24 27.06 -9.48
N ALA B 395 30.33 27.40 -8.79
CA ALA B 395 31.46 28.11 -9.40
C ALA B 395 32.08 27.32 -10.56
N ASN B 396 32.24 26.02 -10.37
CA ASN B 396 32.80 25.17 -11.42
C ASN B 396 31.98 25.15 -12.71
N VAL B 397 30.66 24.97 -12.59
CA VAL B 397 29.83 24.88 -13.80
C VAL B 397 29.47 26.25 -14.38
N LEU B 398 29.20 27.23 -13.51
CA LEU B 398 28.76 28.55 -13.96
C LEU B 398 29.80 29.32 -14.76
N THR B 399 31.08 28.99 -14.56
CA THR B 399 32.18 29.64 -15.28
C THR B 399 32.38 29.07 -16.70
N GLN B 400 31.56 28.10 -17.09
CA GLN B 400 31.65 27.48 -18.41
C GLN B 400 30.94 28.28 -19.51
N VAL B 401 30.10 29.23 -19.12
CA VAL B 401 29.41 30.08 -20.09
C VAL B 401 30.29 31.27 -20.53
N ASP B 402 29.96 31.87 -21.68
CA ASP B 402 30.73 32.99 -22.19
C ASP B 402 30.44 34.27 -21.41
N THR B 403 29.17 34.49 -21.10
CA THR B 403 28.75 35.66 -20.34
C THR B 403 27.76 35.25 -19.24
N LEU B 404 28.07 35.62 -18.00
CA LEU B 404 27.18 35.34 -16.88
C LEU B 404 26.58 36.59 -16.26
N LEU B 405 25.26 36.61 -16.19
CA LEU B 405 24.52 37.60 -15.42
C LEU B 405 23.84 36.85 -14.30
N MSE B 406 23.85 37.41 -13.10
CA MSE B 406 23.31 36.72 -11.95
C MSE B 406 22.39 37.60 -11.13
O MSE B 406 22.74 38.73 -10.77
CB MSE B 406 24.44 36.14 -11.09
CG MSE B 406 23.98 35.07 -10.12
SE MSE B 406 25.44 34.15 -9.20
CE MSE B 406 26.47 33.65 -10.74
N LEU B 407 21.21 37.06 -10.83
CA LEU B 407 20.24 37.68 -9.95
C LEU B 407 20.57 37.33 -8.51
N GLU B 408 19.98 38.06 -7.57
CA GLU B 408 20.11 37.70 -6.16
C GLU B 408 19.45 36.36 -5.87
N VAL B 409 19.91 35.69 -4.83
CA VAL B 409 19.35 34.41 -4.43
C VAL B 409 17.85 34.55 -4.17
N TYR B 410 17.07 33.64 -4.76
CA TYR B 410 15.66 33.51 -4.45
C TYR B 410 15.57 32.62 -3.21
N PRO B 411 15.22 33.21 -2.05
CA PRO B 411 15.32 32.52 -0.76
C PRO B 411 14.33 31.38 -0.58
N ALA B 412 13.16 31.49 -1.22
CA ALA B 412 12.10 30.50 -1.12
C ALA B 412 11.76 30.14 0.33
N GLY B 413 11.58 31.17 1.15
CA GLY B 413 11.26 30.99 2.55
C GLY B 413 12.45 31.12 3.49
N GLU B 414 13.65 30.88 2.99
CA GLU B 414 14.86 30.88 3.81
C GLU B 414 15.33 32.27 4.25
N ALA B 415 16.00 32.32 5.40
CA ALA B 415 16.67 33.52 5.87
C ALA B 415 18.05 33.60 5.20
N PRO B 416 18.56 34.84 5.00
CA PRO B 416 19.91 35.03 4.45
C PRO B 416 21.01 34.32 5.23
N ILE B 417 22.02 33.82 4.51
CA ILE B 417 23.22 33.20 5.09
C ILE B 417 24.45 33.95 4.54
N PRO B 418 25.32 34.44 5.45
CA PRO B 418 26.48 35.20 4.97
C PRO B 418 27.46 34.31 4.21
N GLY B 419 28.04 34.84 3.14
CA GLY B 419 29.00 34.10 2.32
C GLY B 419 28.36 33.26 1.22
N ALA B 420 27.04 33.07 1.31
CA ALA B 420 26.29 32.29 0.33
C ALA B 420 25.42 33.19 -0.57
N ASP B 421 25.93 34.37 -0.87
CA ASP B 421 25.25 35.37 -1.71
C ASP B 421 25.50 35.08 -3.17
N SER B 422 24.79 35.79 -4.04
CA SER B 422 25.12 35.83 -5.46
C SER B 422 26.43 36.58 -5.68
N ARG B 423 26.64 37.65 -4.92
CA ARG B 423 27.87 38.45 -5.05
C ARG B 423 29.11 37.73 -4.52
N SER B 424 28.93 36.93 -3.46
CA SER B 424 29.97 36.00 -3.02
C SER B 424 30.42 35.10 -4.17
N LEU B 425 29.45 34.50 -4.84
CA LEU B 425 29.70 33.56 -5.93
C LEU B 425 30.32 34.25 -7.13
N CYS B 426 29.89 35.48 -7.41
CA CYS B 426 30.42 36.28 -8.52
C CYS B 426 31.89 36.64 -8.36
N ARG B 427 32.32 36.92 -7.12
CA ARG B 427 33.74 37.19 -6.83
C ARG B 427 34.57 35.95 -7.13
N THR B 428 34.07 34.81 -6.66
CA THR B 428 34.73 33.52 -6.84
C THR B 428 34.93 33.20 -8.31
N ILE B 429 33.86 33.34 -9.09
CA ILE B 429 33.91 33.06 -10.53
C ILE B 429 34.88 34.03 -11.22
N ARG B 430 34.77 35.31 -10.86
CA ARG B 430 35.66 36.35 -11.36
C ARG B 430 37.13 35.97 -11.11
N GLY B 431 37.42 35.52 -9.89
CA GLY B 431 38.74 35.07 -9.50
C GLY B 431 39.35 33.98 -10.36
N ARG B 432 38.50 33.15 -10.97
CA ARG B 432 38.96 32.08 -11.86
C ARG B 432 39.49 32.63 -13.18
N GLY B 433 39.12 33.88 -13.50
CA GLY B 433 39.73 34.61 -14.62
C GLY B 433 39.30 34.27 -16.03
N LYS B 434 38.17 33.57 -16.17
CA LYS B 434 37.66 33.19 -17.49
C LYS B 434 36.53 34.11 -17.98
N ILE B 435 35.64 34.47 -17.06
CA ILE B 435 34.54 35.40 -17.38
C ILE B 435 34.34 36.38 -16.23
N ASP B 436 33.75 37.54 -16.54
CA ASP B 436 33.46 38.54 -15.53
C ASP B 436 31.95 38.68 -15.35
N PRO B 437 31.40 38.01 -14.31
CA PRO B 437 29.96 37.99 -14.07
C PRO B 437 29.37 39.36 -13.79
N ILE B 438 28.19 39.63 -14.33
CA ILE B 438 27.47 40.86 -14.07
C ILE B 438 26.34 40.59 -13.08
N LEU B 439 26.34 41.31 -11.95
CA LEU B 439 25.21 41.26 -11.02
C LEU B 439 24.02 42.01 -11.58
N VAL B 440 22.82 41.50 -11.29
CA VAL B 440 21.58 42.15 -11.67
C VAL B 440 20.77 42.33 -10.39
N PRO B 441 20.96 43.48 -9.70
CA PRO B 441 20.35 43.68 -8.39
C PRO B 441 18.87 44.02 -8.46
N ASP B 442 18.44 44.60 -9.57
CA ASP B 442 17.04 44.89 -9.82
C ASP B 442 16.49 43.95 -10.90
N PRO B 443 15.61 43.00 -10.51
CA PRO B 443 15.09 41.94 -11.39
C PRO B 443 14.25 42.45 -12.56
N ALA B 444 13.95 43.75 -12.58
CA ALA B 444 13.17 44.36 -13.65
C ALA B 444 14.09 45.03 -14.68
N ARG B 445 15.34 45.26 -14.30
CA ARG B 445 16.33 45.87 -15.19
C ARG B 445 17.13 44.82 -15.97
N VAL B 446 16.54 43.66 -16.22
CA VAL B 446 17.25 42.54 -16.86
C VAL B 446 17.59 42.81 -18.32
N ALA B 447 16.59 43.14 -19.14
CA ALA B 447 16.82 43.44 -20.55
C ALA B 447 17.75 44.64 -20.75
N GLU B 448 17.79 45.54 -19.76
CA GLU B 448 18.74 46.64 -19.71
C GLU B 448 20.18 46.13 -19.70
N MSE B 449 20.44 45.21 -18.78
CA MSE B 449 21.77 44.60 -18.61
C MSE B 449 22.08 43.66 -19.76
O MSE B 449 23.25 43.46 -20.09
CB MSE B 449 21.84 43.82 -17.31
CG MSE B 449 21.29 44.53 -16.09
SE MSE B 449 22.33 46.09 -15.62
CE MSE B 449 21.73 46.29 -13.72
N LEU B 450 21.05 43.04 -20.31
CA LEU B 450 21.22 41.97 -21.29
C LEU B 450 21.65 42.47 -22.66
N ALA B 451 21.05 43.58 -23.09
CA ALA B 451 21.30 44.14 -24.42
C ALA B 451 22.79 44.35 -24.76
N PRO B 452 23.57 45.03 -23.87
CA PRO B 452 24.98 45.29 -24.17
C PRO B 452 25.85 44.07 -24.46
N VAL B 453 25.53 42.93 -23.85
CA VAL B 453 26.39 41.74 -23.96
C VAL B 453 26.02 40.80 -25.12
N LEU B 454 24.88 41.08 -25.75
CA LEU B 454 24.44 40.32 -26.93
C LEU B 454 25.27 40.74 -28.14
N THR B 455 25.75 39.76 -28.91
CA THR B 455 26.74 40.01 -29.95
C THR B 455 26.21 39.96 -31.39
N GLY B 456 25.27 39.05 -31.65
CA GLY B 456 24.73 38.88 -33.01
C GLY B 456 24.49 37.43 -33.40
N ASN B 457 25.02 36.52 -32.58
CA ASN B 457 24.83 35.08 -32.76
C ASN B 457 24.82 34.45 -31.38
N ASP B 458 23.86 34.85 -30.56
CA ASP B 458 23.83 34.44 -29.16
C ASP B 458 22.73 33.43 -28.83
N LEU B 459 22.99 32.62 -27.81
CA LEU B 459 22.00 31.75 -27.21
C LEU B 459 21.89 32.12 -25.73
N ILE B 460 20.77 32.70 -25.35
CA ILE B 460 20.53 33.05 -23.95
C ILE B 460 19.85 31.89 -23.22
N LEU B 461 20.50 31.40 -22.17
CA LEU B 461 19.89 30.47 -21.25
C LEU B 461 19.41 31.23 -20.02
N VAL B 462 18.10 31.21 -19.78
CA VAL B 462 17.56 31.73 -18.52
C VAL B 462 17.40 30.53 -17.60
N GLN B 463 18.03 30.60 -16.43
CA GLN B 463 18.35 29.42 -15.64
C GLN B 463 18.03 29.61 -14.16
N GLY B 464 17.24 28.69 -13.60
CA GLY B 464 16.85 28.76 -12.19
C GLY B 464 15.40 28.39 -12.00
N ALA B 465 15.00 28.18 -10.76
CA ALA B 465 13.66 27.72 -10.42
C ALA B 465 12.77 28.80 -9.83
N GLY B 466 11.68 29.12 -10.53
CA GLY B 466 10.70 30.12 -10.07
C GLY B 466 11.29 31.52 -10.01
N ASN B 467 10.40 32.52 -10.09
CA ASN B 467 10.79 33.93 -10.17
C ASN B 467 11.46 34.27 -11.51
N ILE B 468 12.55 33.58 -11.81
CA ILE B 468 13.24 33.75 -13.09
C ILE B 468 12.37 33.27 -14.27
N GLY B 469 11.39 32.41 -13.98
CA GLY B 469 10.39 31.99 -14.95
C GLY B 469 9.61 33.16 -15.52
N LYS B 470 9.14 34.05 -14.65
CA LYS B 470 8.50 35.31 -15.05
C LYS B 470 9.39 36.12 -15.99
N ILE B 471 10.65 36.30 -15.58
CA ILE B 471 11.62 37.09 -16.33
C ILE B 471 11.82 36.51 -17.73
N ALA B 472 11.88 35.18 -17.81
CA ALA B 472 12.02 34.48 -19.08
C ALA B 472 10.85 34.77 -20.03
N ARG B 473 9.63 34.75 -19.50
CA ARG B 473 8.44 35.06 -20.28
C ARG B 473 8.38 36.53 -20.69
N SER B 474 8.76 37.43 -19.78
CA SER B 474 8.85 38.85 -20.09
C SER B 474 9.79 39.12 -21.26
N LEU B 475 10.99 38.53 -21.21
CA LEU B 475 11.97 38.64 -22.29
C LEU B 475 11.45 38.16 -23.64
N ALA B 476 10.59 37.15 -23.61
CA ALA B 476 9.97 36.62 -24.82
C ALA B 476 8.96 37.58 -25.45
N GLU B 477 8.05 38.12 -24.64
CA GLU B 477 7.00 38.99 -25.15
C GLU B 477 7.50 40.37 -25.60
N ILE B 478 8.42 40.95 -24.83
CA ILE B 478 9.06 42.21 -25.24
C ILE B 478 10.10 41.96 -26.34
N LYS B 479 10.32 40.69 -26.67
CA LYS B 479 11.21 40.28 -27.76
C LYS B 479 12.61 40.86 -27.56
N LEU B 480 13.05 40.87 -26.30
CA LEU B 480 14.38 41.35 -25.90
C LEU B 480 14.56 42.87 -25.92
N LYS B 481 13.53 43.60 -26.38
CA LYS B 481 13.58 45.06 -26.47
C LYS B 481 14.03 45.68 -25.15
N PRO B 482 15.21 46.28 -25.22
CA PRO B 482 16.00 46.68 -24.04
C PRO B 482 15.30 47.58 -23.02
N GLN B 483 14.05 47.94 -23.28
CA GLN B 483 13.24 48.73 -22.34
C GLN B 483 12.74 47.87 -21.17
MG MG C . -4.60 -16.23 18.33
MG MG D . 14.61 18.38 -6.16
#